data_1JUE
#
_entry.id   1JUE
#
_cell.length_a   53.146
_cell.length_b   108.145
_cell.length_c   66.019
_cell.angle_alpha   90.00
_cell.angle_beta   103.82
_cell.angle_gamma   90.00
#
_symmetry.space_group_name_H-M   'P 1 21 1'
#
loop_
_entity.id
_entity.type
_entity.pdbx_description
1 polymer 'dihydroorotate dehydrogenase A'
2 non-polymer 'MAGNESIUM ION'
3 non-polymer 'FLAVIN MONONUCLEOTIDE'
4 non-polymer 'ACETIC ACID'
5 non-polymer GLYCEROL
6 water water
#
_entity_poly.entity_id   1
_entity_poly.type   'polypeptide(L)'
_entity_poly.pdbx_seq_one_letter_code
;MLNTTFANAKFANPFMNASGVHCMTIEDLEELKASQAGAYITKSSTLEKREGNPLPRYVDLELGSINSMGLPNLGFDYYL
DYVLKNQKENAQEGPIFFSIAGMSAAENIAMLKKIQESDFSGITELNLSCPNVPGKPQLAYDFEATEKLLKEVFTFFTKP
LGVKLPPYFDLVHFDIMAEILNQFPLTYVNSVNSIGNGLFIDPEAESVVIKPKDGFGGIGGAYIKPTALANVRAFYTRLK
PEIQIIGTGGIETGQDAFEHLLCGATMLQIGTALHKEGPAIFDRIIKELEEIMNQKGYQSIADFHGKLKSL
;
_entity_poly.pdbx_strand_id   A,B
#
loop_
_chem_comp.id
_chem_comp.type
_chem_comp.name
_chem_comp.formula
ACY non-polymer 'ACETIC ACID' 'C2 H4 O2'
FMN non-polymer 'FLAVIN MONONUCLEOTIDE' 'C17 H21 N4 O9 P'
GOL non-polymer GLYCEROL 'C3 H8 O3'
MG non-polymer 'MAGNESIUM ION' 'Mg 2'
#
# COMPACT_ATOMS: atom_id res chain seq x y z
N MET A 1 12.99 -19.45 -24.90
CA MET A 1 11.64 -19.75 -24.35
C MET A 1 10.91 -18.50 -23.90
N LEU A 2 11.67 -17.44 -23.64
CA LEU A 2 11.09 -16.18 -23.18
C LEU A 2 10.75 -15.16 -24.26
N ASN A 3 10.85 -15.55 -25.52
CA ASN A 3 10.53 -14.63 -26.61
C ASN A 3 9.17 -13.98 -26.33
N THR A 4 9.11 -12.67 -26.46
CA THR A 4 7.90 -11.91 -26.17
C THR A 4 7.51 -10.90 -27.24
N THR A 5 6.21 -10.77 -27.48
CA THR A 5 5.69 -9.80 -28.43
C THR A 5 4.93 -8.78 -27.60
N PHE A 6 5.30 -7.51 -27.74
CA PHE A 6 4.68 -6.44 -26.96
C PHE A 6 4.67 -5.17 -27.81
N ALA A 7 3.55 -4.46 -27.80
CA ALA A 7 3.42 -3.23 -28.59
C ALA A 7 3.81 -3.50 -30.05
N ASN A 8 3.44 -4.67 -30.55
CA ASN A 8 3.74 -5.06 -31.93
C ASN A 8 5.22 -5.19 -32.23
N ALA A 9 6.03 -5.35 -31.19
CA ALA A 9 7.46 -5.49 -31.37
C ALA A 9 7.95 -6.79 -30.74
N LYS A 10 9.09 -7.28 -31.21
CA LYS A 10 9.65 -8.52 -30.68
C LYS A 10 10.80 -8.27 -29.71
N PHE A 11 10.76 -8.96 -28.57
CA PHE A 11 11.78 -8.84 -27.54
C PHE A 11 12.27 -10.24 -27.20
N ALA A 12 13.57 -10.37 -26.90
CA ALA A 12 14.16 -11.66 -26.58
C ALA A 12 13.60 -12.26 -25.29
N ASN A 13 13.24 -11.39 -24.36
CA ASN A 13 12.67 -11.80 -23.08
C ASN A 13 11.88 -10.61 -22.54
N PRO A 14 11.03 -10.84 -21.54
CA PRO A 14 10.22 -9.74 -21.00
C PRO A 14 10.86 -8.79 -20.00
N PHE A 15 12.06 -9.11 -19.53
CA PHE A 15 12.73 -8.28 -18.52
C PHE A 15 13.29 -6.94 -18.95
N MET A 16 13.06 -5.94 -18.09
CA MET A 16 13.54 -4.58 -18.30
C MET A 16 13.90 -3.98 -16.96
N ASN A 17 14.56 -2.84 -16.98
CA ASN A 17 14.85 -2.14 -15.74
C ASN A 17 13.56 -1.35 -15.50
N ALA A 18 13.34 -0.91 -14.28
CA ALA A 18 12.17 -0.08 -13.97
C ALA A 18 12.70 1.34 -14.13
N SER A 19 11.90 2.24 -14.66
CA SER A 19 12.35 3.62 -14.83
C SER A 19 12.87 4.15 -13.49
N GLY A 20 13.95 4.92 -13.53
CA GLY A 20 14.51 5.47 -12.31
C GLY A 20 15.70 4.67 -11.80
N VAL A 21 15.81 3.42 -12.21
CA VAL A 21 16.91 2.56 -11.77
C VAL A 21 17.89 2.19 -12.88
N HIS A 22 19.14 2.57 -12.68
CA HIS A 22 20.21 2.28 -13.64
C HIS A 22 19.93 2.81 -15.05
N CYS A 23 19.41 4.02 -15.15
CA CYS A 23 19.07 4.59 -16.47
C CYS A 23 19.15 6.11 -16.49
N MET A 24 20.00 6.69 -15.65
CA MET A 24 20.14 8.13 -15.54
C MET A 24 21.01 8.73 -16.65
N THR A 25 22.13 8.08 -16.92
CA THR A 25 23.07 8.57 -17.92
C THR A 25 23.17 7.65 -19.12
N ILE A 26 23.83 8.15 -20.17
CA ILE A 26 24.04 7.38 -21.37
C ILE A 26 24.84 6.13 -20.98
N GLU A 27 25.78 6.31 -20.06
CA GLU A 27 26.60 5.18 -19.60
C GLU A 27 25.73 4.10 -18.97
N ASP A 28 24.77 4.52 -18.15
CA ASP A 28 23.86 3.58 -17.49
C ASP A 28 23.07 2.82 -18.56
N LEU A 29 22.52 3.58 -19.52
CA LEU A 29 21.72 3.00 -20.59
C LEU A 29 22.49 2.00 -21.45
N GLU A 30 23.75 2.30 -21.74
CA GLU A 30 24.57 1.42 -22.55
C GLU A 30 24.87 0.14 -21.78
N GLU A 31 24.90 0.25 -20.46
CA GLU A 31 25.16 -0.91 -19.61
C GLU A 31 23.92 -1.81 -19.67
N LEU A 32 22.74 -1.21 -19.74
CA LEU A 32 21.52 -2.00 -19.82
C LEU A 32 21.43 -2.65 -21.19
N LYS A 33 21.87 -1.93 -22.22
CA LYS A 33 21.86 -2.47 -23.59
C LYS A 33 22.76 -3.69 -23.66
N ALA A 34 23.91 -3.60 -22.99
CA ALA A 34 24.88 -4.70 -22.98
C ALA A 34 24.44 -5.90 -22.15
N SER A 35 23.52 -5.67 -21.20
CA SER A 35 23.03 -6.74 -20.33
C SER A 35 22.07 -7.67 -21.08
N GLN A 36 21.54 -8.67 -20.37
CA GLN A 36 20.61 -9.62 -20.96
C GLN A 36 19.16 -9.13 -20.91
N ALA A 37 18.95 -7.90 -20.46
CA ALA A 37 17.60 -7.34 -20.37
C ALA A 37 16.97 -7.36 -21.77
N GLY A 38 15.71 -7.77 -21.85
CA GLY A 38 15.02 -7.80 -23.13
C GLY A 38 14.81 -6.42 -23.70
N ALA A 39 14.66 -5.44 -22.81
CA ALA A 39 14.46 -4.06 -23.22
C ALA A 39 14.80 -3.16 -22.04
N TYR A 40 14.89 -1.86 -22.28
CA TYR A 40 15.19 -0.94 -21.20
C TYR A 40 14.48 0.38 -21.40
N ILE A 41 14.36 1.13 -20.31
CA ILE A 41 13.65 2.40 -20.33
C ILE A 41 14.49 3.48 -19.67
N THR A 42 14.36 4.70 -20.17
CA THR A 42 15.11 5.84 -19.64
C THR A 42 14.51 6.36 -18.34
N LYS A 43 15.32 7.10 -17.59
CA LYS A 43 14.87 7.73 -16.35
C LYS A 43 13.78 8.72 -16.74
N SER A 44 12.71 8.83 -15.95
CA SER A 44 11.65 9.79 -16.25
C SER A 44 12.26 11.18 -16.38
N SER A 45 11.98 11.88 -17.47
CA SER A 45 12.57 13.19 -17.62
C SER A 45 11.59 14.35 -17.55
N THR A 46 12.14 15.53 -17.29
CA THR A 46 11.37 16.74 -17.21
C THR A 46 11.96 17.65 -18.29
N LEU A 47 11.29 18.74 -18.62
CA LEU A 47 11.81 19.62 -19.67
C LEU A 47 13.22 20.10 -19.38
N GLU A 48 13.49 20.48 -18.14
CA GLU A 48 14.83 20.93 -17.82
C GLU A 48 15.49 19.96 -16.86
N LYS A 49 16.82 19.96 -16.87
CA LYS A 49 17.62 19.11 -16.00
C LYS A 49 17.23 19.37 -14.54
N ARG A 50 17.23 18.30 -13.72
CA ARG A 50 16.89 18.41 -12.29
C ARG A 50 17.93 17.74 -11.42
N GLU A 51 18.30 18.41 -10.32
CA GLU A 51 19.27 17.86 -9.40
C GLU A 51 18.60 16.86 -8.46
N GLY A 52 17.29 17.02 -8.26
CA GLY A 52 16.57 16.11 -7.38
C GLY A 52 16.56 16.60 -5.94
N ASN A 53 16.13 15.73 -5.01
CA ASN A 53 16.06 16.08 -3.60
C ASN A 53 17.39 15.92 -2.87
N PRO A 54 17.51 16.50 -1.67
CA PRO A 54 18.72 16.42 -0.85
C PRO A 54 19.00 14.98 -0.42
N LEU A 55 20.27 14.67 -0.17
CA LEU A 55 20.67 13.33 0.27
C LEU A 55 20.74 13.28 1.80
N PRO A 56 20.57 12.08 2.39
CA PRO A 56 20.32 10.80 1.72
C PRO A 56 18.88 10.73 1.20
N ARG A 57 18.70 10.13 0.02
CA ARG A 57 17.37 10.04 -0.58
C ARG A 57 17.00 8.63 -1.03
N TYR A 58 17.90 7.68 -0.82
CA TYR A 58 17.65 6.28 -1.16
C TYR A 58 18.36 5.41 -0.13
N VAL A 59 17.64 4.43 0.39
CA VAL A 59 18.19 3.51 1.38
C VAL A 59 17.72 2.08 1.13
N ASP A 60 18.65 1.14 1.14
CA ASP A 60 18.34 -0.28 0.96
C ASP A 60 17.79 -0.80 2.28
N LEU A 61 16.70 -1.56 2.20
CA LEU A 61 16.06 -2.13 3.37
C LEU A 61 16.04 -3.65 3.26
N GLU A 62 15.95 -4.33 4.38
CA GLU A 62 15.91 -5.78 4.36
C GLU A 62 14.79 -6.31 3.45
N LEU A 63 13.63 -5.65 3.51
CA LEU A 63 12.49 -6.08 2.70
C LEU A 63 12.24 -5.25 1.44
N GLY A 64 13.22 -4.45 1.04
CA GLY A 64 13.05 -3.65 -0.16
C GLY A 64 13.87 -2.37 -0.15
N SER A 65 13.19 -1.24 -0.36
CA SER A 65 13.86 0.04 -0.39
C SER A 65 12.89 1.18 -0.14
N ILE A 66 13.43 2.34 0.19
CA ILE A 66 12.62 3.54 0.38
C ILE A 66 13.41 4.65 -0.30
N ASN A 67 12.72 5.57 -0.96
CA ASN A 67 13.42 6.64 -1.64
C ASN A 67 12.53 7.84 -1.88
N SER A 68 13.18 8.99 -2.08
CA SER A 68 12.51 10.23 -2.41
C SER A 68 13.54 10.96 -3.29
N MET A 69 13.84 10.37 -4.44
CA MET A 69 14.83 10.94 -5.36
C MET A 69 14.52 12.36 -5.79
N GLY A 70 13.24 12.64 -6.08
CA GLY A 70 12.86 13.98 -6.50
C GLY A 70 13.03 14.21 -7.99
N LEU A 71 12.91 13.14 -8.76
CA LEU A 71 13.06 13.19 -10.21
C LEU A 71 14.36 13.80 -10.73
N PRO A 72 15.51 13.32 -10.23
CA PRO A 72 16.76 13.88 -10.74
C PRO A 72 16.91 13.30 -12.16
N ASN A 73 17.22 14.15 -13.13
CA ASN A 73 17.38 13.67 -14.49
C ASN A 73 18.15 14.70 -15.32
N LEU A 74 18.72 14.27 -16.44
CA LEU A 74 19.50 15.18 -17.27
C LEU A 74 18.73 16.01 -18.28
N GLY A 75 17.40 15.98 -18.18
CA GLY A 75 16.58 16.77 -19.09
C GLY A 75 16.08 16.05 -20.32
N PHE A 76 14.89 16.44 -20.77
CA PHE A 76 14.27 15.85 -21.94
C PHE A 76 15.18 15.78 -23.18
N ASP A 77 15.80 16.90 -23.53
CA ASP A 77 16.67 16.92 -24.71
C ASP A 77 17.81 15.91 -24.68
N TYR A 78 18.37 15.68 -23.49
CA TYR A 78 19.46 14.73 -23.34
C TYR A 78 19.01 13.32 -23.73
N TYR A 79 17.88 12.89 -23.17
CA TYR A 79 17.38 11.57 -23.46
C TYR A 79 16.88 11.42 -24.91
N LEU A 80 16.17 12.43 -25.41
CA LEU A 80 15.67 12.37 -26.78
C LEU A 80 16.84 12.27 -27.75
N ASP A 81 17.84 13.12 -27.57
CA ASP A 81 19.01 13.08 -28.44
C ASP A 81 19.65 11.69 -28.43
N TYR A 82 19.73 11.06 -27.25
CA TYR A 82 20.32 9.73 -27.12
C TYR A 82 19.54 8.63 -27.82
N VAL A 83 18.23 8.56 -27.59
CA VAL A 83 17.41 7.54 -28.22
C VAL A 83 17.36 7.69 -29.74
N LEU A 84 17.39 8.93 -30.22
CA LEU A 84 17.35 9.18 -31.66
C LEU A 84 18.60 8.67 -32.36
N LYS A 85 19.76 8.87 -31.72
CA LYS A 85 21.02 8.42 -32.30
C LYS A 85 21.16 6.90 -32.27
N ASN A 86 20.77 6.27 -31.16
CA ASN A 86 20.85 4.82 -31.05
C ASN A 86 19.88 4.16 -32.02
N GLN A 87 18.72 4.76 -32.18
CA GLN A 87 17.71 4.26 -33.09
C GLN A 87 18.32 4.06 -34.48
N LYS A 88 19.14 5.00 -34.91
CA LYS A 88 19.79 4.95 -36.21
C LYS A 88 20.82 3.82 -36.38
N GLU A 89 21.31 3.29 -35.27
CA GLU A 89 22.32 2.24 -35.34
C GLU A 89 21.75 0.83 -35.50
N ASN A 90 20.47 0.67 -35.15
CA ASN A 90 19.82 -0.64 -35.23
C ASN A 90 20.75 -1.69 -34.62
N ALA A 91 21.22 -1.38 -33.40
CA ALA A 91 22.13 -2.25 -32.68
C ALA A 91 21.45 -3.01 -31.54
N GLN A 92 20.13 -3.17 -31.62
CA GLN A 92 19.41 -3.90 -30.58
C GLN A 92 18.04 -4.37 -31.07
N GLU A 93 17.61 -5.53 -30.57
CA GLU A 93 16.32 -6.09 -30.93
C GLU A 93 15.27 -5.51 -30.00
N GLY A 94 14.32 -4.78 -30.57
CA GLY A 94 13.27 -4.19 -29.76
C GLY A 94 13.54 -2.72 -29.49
N PRO A 95 12.51 -1.87 -29.59
CA PRO A 95 12.65 -0.44 -29.35
C PRO A 95 12.97 -0.07 -27.91
N ILE A 96 13.50 1.13 -27.73
CA ILE A 96 13.85 1.65 -26.41
C ILE A 96 12.59 2.32 -25.87
N PHE A 97 12.42 2.33 -24.55
CA PHE A 97 11.28 2.97 -23.92
C PHE A 97 11.74 4.33 -23.41
N PHE A 98 10.89 5.33 -23.58
CA PHE A 98 11.21 6.70 -23.17
C PHE A 98 10.20 7.20 -22.16
N SER A 99 10.65 7.40 -20.91
CA SER A 99 9.75 7.86 -19.85
C SER A 99 9.77 9.38 -19.63
N ILE A 100 8.59 9.96 -19.47
CA ILE A 100 8.47 11.39 -19.21
C ILE A 100 7.59 11.59 -17.97
N ALA A 101 7.95 12.58 -17.17
CA ALA A 101 7.19 12.89 -15.95
C ALA A 101 7.19 14.41 -15.76
N GLY A 102 6.47 15.11 -16.65
CA GLY A 102 6.40 16.55 -16.57
C GLY A 102 5.94 17.07 -15.21
N MET A 103 6.47 18.24 -14.82
CA MET A 103 6.13 18.87 -13.55
C MET A 103 4.72 19.45 -13.60
N SER A 104 4.11 19.40 -14.79
CA SER A 104 2.77 19.92 -14.99
C SER A 104 2.17 19.36 -16.27
N ALA A 105 0.86 19.51 -16.43
CA ALA A 105 0.18 19.03 -17.62
C ALA A 105 0.82 19.65 -18.87
N ALA A 106 1.06 20.96 -18.80
CA ALA A 106 1.67 21.68 -19.91
C ALA A 106 3.03 21.10 -20.29
N GLU A 107 3.82 20.74 -19.30
CA GLU A 107 5.14 20.18 -19.57
C GLU A 107 5.01 18.82 -20.25
N ASN A 108 4.06 18.02 -19.78
CA ASN A 108 3.85 16.70 -20.38
C ASN A 108 3.40 16.82 -21.83
N ILE A 109 2.47 17.74 -22.08
CA ILE A 109 1.99 17.95 -23.43
C ILE A 109 3.14 18.42 -24.33
N ALA A 110 3.96 19.33 -23.80
CA ALA A 110 5.09 19.85 -24.55
C ALA A 110 6.08 18.75 -24.94
N MET A 111 6.41 17.87 -24.00
CA MET A 111 7.34 16.79 -24.30
C MET A 111 6.73 15.78 -25.28
N LEU A 112 5.46 15.47 -25.10
CA LEU A 112 4.78 14.53 -25.99
C LEU A 112 4.72 15.09 -27.42
N LYS A 113 4.54 16.41 -27.53
CA LYS A 113 4.51 17.08 -28.83
C LYS A 113 5.86 16.93 -29.50
N LYS A 114 6.92 17.11 -28.72
CA LYS A 114 8.28 17.00 -29.24
C LYS A 114 8.58 15.58 -29.69
N ILE A 115 8.14 14.60 -28.92
CA ILE A 115 8.36 13.20 -29.28
C ILE A 115 7.61 12.88 -30.57
N GLN A 116 6.36 13.34 -30.64
CA GLN A 116 5.51 13.11 -31.80
C GLN A 116 6.15 13.67 -33.07
N GLU A 117 6.70 14.89 -32.95
CA GLU A 117 7.33 15.53 -34.10
C GLU A 117 8.69 14.96 -34.46
N SER A 118 9.38 14.41 -33.48
CA SER A 118 10.70 13.82 -33.73
C SER A 118 10.55 12.54 -34.53
N ASP A 119 11.67 11.94 -34.91
CA ASP A 119 11.65 10.69 -35.66
C ASP A 119 11.65 9.50 -34.74
N PHE A 120 11.48 9.72 -33.44
CA PHE A 120 11.47 8.63 -32.47
C PHE A 120 10.48 7.54 -32.86
N SER A 121 10.97 6.32 -33.00
CA SER A 121 10.13 5.20 -33.39
C SER A 121 9.95 4.19 -32.26
N GLY A 122 10.42 4.56 -31.07
CA GLY A 122 10.31 3.69 -29.92
C GLY A 122 9.01 3.85 -29.16
N ILE A 123 9.00 3.41 -27.91
CA ILE A 123 7.82 3.46 -27.07
C ILE A 123 7.94 4.52 -25.97
N THR A 124 6.85 5.23 -25.71
CA THR A 124 6.84 6.29 -24.69
C THR A 124 6.01 5.89 -23.47
N GLU A 125 6.51 6.23 -22.29
CA GLU A 125 5.81 5.91 -21.05
C GLU A 125 5.55 7.22 -20.31
N LEU A 126 4.27 7.54 -20.12
CA LEU A 126 3.86 8.75 -19.41
C LEU A 126 3.69 8.40 -17.94
N ASN A 127 4.54 8.97 -17.10
CA ASN A 127 4.51 8.72 -15.67
C ASN A 127 3.48 9.59 -14.95
N LEU A 128 2.38 8.98 -14.52
CA LEU A 128 1.33 9.72 -13.82
C LEU A 128 1.35 9.35 -12.33
N SER A 129 2.50 8.96 -11.80
CA SER A 129 2.55 8.52 -10.41
C SER A 129 3.76 8.79 -9.54
N CYS A 130 4.65 9.69 -9.91
CA CYS A 130 5.81 9.95 -9.06
C CYS A 130 5.35 10.43 -7.68
N PRO A 131 5.67 9.68 -6.62
CA PRO A 131 5.26 10.08 -5.28
C PRO A 131 6.31 10.83 -4.47
N ASN A 132 7.36 11.33 -5.14
CA ASN A 132 8.42 12.01 -4.41
C ASN A 132 8.69 13.46 -4.81
N VAL A 133 7.72 14.09 -5.47
CA VAL A 133 7.87 15.49 -5.86
C VAL A 133 7.09 16.35 -4.87
N PRO A 134 7.82 17.09 -4.02
CA PRO A 134 7.20 17.97 -3.01
C PRO A 134 6.11 18.88 -3.57
N GLY A 135 4.94 18.84 -2.96
CA GLY A 135 3.84 19.69 -3.39
C GLY A 135 3.16 19.23 -4.67
N LYS A 136 3.52 18.05 -5.16
CA LYS A 136 2.93 17.53 -6.39
C LYS A 136 2.39 16.12 -6.18
N PRO A 137 1.09 15.98 -5.89
CA PRO A 137 0.50 14.65 -5.68
C PRO A 137 0.46 13.79 -6.95
N GLN A 138 0.28 12.49 -6.75
CA GLN A 138 0.23 11.53 -7.85
C GLN A 138 -1.03 11.79 -8.68
N LEU A 139 -0.83 12.28 -9.91
CA LEU A 139 -1.92 12.61 -10.82
C LEU A 139 -2.94 11.50 -11.04
N ALA A 140 -2.47 10.25 -11.10
CA ALA A 140 -3.35 9.11 -11.33
C ALA A 140 -4.31 8.81 -10.18
N TYR A 141 -4.27 9.62 -9.13
CA TYR A 141 -5.19 9.44 -8.02
C TYR A 141 -6.31 10.46 -8.16
N ASP A 142 -6.20 11.29 -9.20
CA ASP A 142 -7.20 12.31 -9.52
C ASP A 142 -7.76 11.85 -10.86
N PHE A 143 -8.78 10.99 -10.81
CA PHE A 143 -9.39 10.45 -12.01
C PHE A 143 -9.85 11.50 -13.02
N GLU A 144 -10.38 12.61 -12.52
CA GLU A 144 -10.87 13.67 -13.39
C GLU A 144 -9.71 14.30 -14.16
N ALA A 145 -8.67 14.69 -13.43
CA ALA A 145 -7.49 15.30 -14.03
C ALA A 145 -6.80 14.35 -14.99
N THR A 146 -6.78 13.06 -14.65
CA THR A 146 -6.14 12.06 -15.50
C THR A 146 -6.86 11.92 -16.83
N GLU A 147 -8.18 11.82 -16.80
CA GLU A 147 -8.95 11.68 -18.02
C GLU A 147 -8.80 12.92 -18.89
N LYS A 148 -8.84 14.09 -18.28
CA LYS A 148 -8.70 15.35 -19.00
C LYS A 148 -7.37 15.42 -19.73
N LEU A 149 -6.30 15.01 -19.06
CA LEU A 149 -4.97 15.03 -19.67
C LEU A 149 -4.87 14.06 -20.85
N LEU A 150 -5.31 12.82 -20.63
CA LEU A 150 -5.25 11.81 -21.67
C LEU A 150 -6.07 12.16 -22.90
N LYS A 151 -7.22 12.81 -22.71
CA LYS A 151 -8.03 13.19 -23.85
C LYS A 151 -7.26 14.18 -24.73
N GLU A 152 -6.57 15.12 -24.10
CA GLU A 152 -5.79 16.10 -24.85
C GLU A 152 -4.60 15.42 -25.52
N VAL A 153 -3.96 14.51 -24.80
CA VAL A 153 -2.82 13.79 -25.35
C VAL A 153 -3.17 13.07 -26.65
N PHE A 154 -4.28 12.35 -26.64
CA PHE A 154 -4.67 11.59 -27.81
C PHE A 154 -5.30 12.37 -28.94
N THR A 155 -5.32 13.69 -28.83
CA THR A 155 -5.85 14.51 -29.92
C THR A 155 -4.69 14.70 -30.89
N PHE A 156 -3.49 14.31 -30.49
CA PHE A 156 -2.32 14.48 -31.34
C PHE A 156 -1.25 13.37 -31.29
N PHE A 157 -1.12 12.69 -30.15
CA PHE A 157 -0.10 11.65 -30.03
C PHE A 157 -0.55 10.33 -30.66
N THR A 158 0.12 9.94 -31.74
CA THR A 158 -0.22 8.71 -32.45
C THR A 158 0.78 7.58 -32.24
N LYS A 159 1.90 7.87 -31.59
CA LYS A 159 2.94 6.87 -31.37
C LYS A 159 2.63 5.99 -30.15
N PRO A 160 3.31 4.84 -30.03
CA PRO A 160 3.06 3.94 -28.90
C PRO A 160 3.19 4.64 -27.56
N LEU A 161 2.13 4.58 -26.76
CA LEU A 161 2.14 5.23 -25.45
C LEU A 161 1.59 4.35 -24.35
N GLY A 162 2.29 4.34 -23.22
CA GLY A 162 1.85 3.58 -22.07
C GLY A 162 1.83 4.53 -20.91
N VAL A 163 1.14 4.16 -19.83
CA VAL A 163 1.10 5.00 -18.63
C VAL A 163 1.58 4.24 -17.42
N LYS A 164 2.46 4.86 -16.64
CA LYS A 164 2.97 4.27 -15.40
C LYS A 164 2.01 4.72 -14.30
N LEU A 165 1.37 3.76 -13.66
CA LEU A 165 0.38 4.07 -12.64
C LEU A 165 0.77 3.73 -11.21
N PRO A 166 0.20 4.47 -10.24
CA PRO A 166 0.50 4.21 -8.83
C PRO A 166 -0.39 3.03 -8.46
N PRO A 167 -0.16 2.41 -7.29
CA PRO A 167 -1.01 1.28 -6.92
C PRO A 167 -2.39 1.72 -6.42
N TYR A 168 -3.41 0.92 -6.72
CA TYR A 168 -4.78 1.18 -6.26
C TYR A 168 -5.10 0.10 -5.25
N PHE A 169 -5.98 0.40 -4.30
CA PHE A 169 -6.31 -0.56 -3.25
C PHE A 169 -7.80 -0.82 -3.04
N ASP A 170 -8.61 -0.34 -3.98
CA ASP A 170 -10.05 -0.52 -3.91
C ASP A 170 -10.52 -0.93 -5.31
N LEU A 171 -11.31 -2.00 -5.38
CA LEU A 171 -11.78 -2.50 -6.65
C LEU A 171 -12.57 -1.49 -7.49
N VAL A 172 -13.29 -0.59 -6.84
CA VAL A 172 -14.04 0.43 -7.58
C VAL A 172 -13.08 1.35 -8.31
N HIS A 173 -11.90 1.57 -7.73
CA HIS A 173 -10.91 2.43 -8.35
C HIS A 173 -10.38 1.78 -9.62
N PHE A 174 -10.22 0.45 -9.60
CA PHE A 174 -9.77 -0.25 -10.79
C PHE A 174 -10.84 -0.13 -11.86
N ASP A 175 -12.10 -0.19 -11.45
CA ASP A 175 -13.21 -0.09 -12.41
C ASP A 175 -13.21 1.29 -13.05
N ILE A 176 -13.10 2.33 -12.23
CA ILE A 176 -13.09 3.70 -12.70
C ILE A 176 -11.92 3.96 -13.66
N MET A 177 -10.72 3.55 -13.27
CA MET A 177 -9.54 3.74 -14.10
C MET A 177 -9.61 2.97 -15.42
N ALA A 178 -10.11 1.74 -15.36
CA ALA A 178 -10.22 0.92 -16.56
C ALA A 178 -11.18 1.55 -17.56
N GLU A 179 -12.29 2.07 -17.05
CA GLU A 179 -13.28 2.72 -17.92
C GLU A 179 -12.64 3.92 -18.60
N ILE A 180 -11.86 4.69 -17.84
CA ILE A 180 -11.19 5.86 -18.40
C ILE A 180 -10.17 5.45 -19.46
N LEU A 181 -9.30 4.51 -19.12
CA LEU A 181 -8.26 4.07 -20.04
C LEU A 181 -8.77 3.36 -21.29
N ASN A 182 -9.80 2.53 -21.15
CA ASN A 182 -10.33 1.79 -22.30
C ASN A 182 -10.86 2.65 -23.46
N GLN A 183 -11.11 3.93 -23.21
CA GLN A 183 -11.62 4.79 -24.26
C GLN A 183 -10.50 5.32 -25.16
N PHE A 184 -9.25 5.04 -24.80
CA PHE A 184 -8.11 5.52 -25.56
C PHE A 184 -7.31 4.42 -26.25
N PRO A 185 -6.61 4.78 -27.34
CA PRO A 185 -5.79 3.81 -28.06
C PRO A 185 -4.43 3.67 -27.37
N LEU A 186 -4.48 3.42 -26.06
CA LEU A 186 -3.28 3.24 -25.25
C LEU A 186 -2.58 1.94 -25.61
N THR A 187 -1.25 1.93 -25.57
CA THR A 187 -0.49 0.72 -25.87
C THR A 187 -0.40 -0.17 -24.65
N TYR A 188 -0.22 0.43 -23.48
CA TYR A 188 -0.10 -0.35 -22.26
C TYR A 188 -0.25 0.43 -20.96
N VAL A 189 -0.36 -0.33 -19.87
CA VAL A 189 -0.45 0.21 -18.53
C VAL A 189 0.68 -0.47 -17.77
N ASN A 190 1.44 0.31 -17.01
CA ASN A 190 2.54 -0.24 -16.22
C ASN A 190 2.18 -0.08 -14.75
N SER A 191 1.89 -1.21 -14.10
CA SER A 191 1.56 -1.25 -12.68
C SER A 191 2.64 -2.10 -12.02
N VAL A 192 3.26 -1.61 -10.94
CA VAL A 192 2.96 -0.33 -10.31
C VAL A 192 4.20 0.49 -9.97
N ASN A 193 3.99 1.78 -9.72
CA ASN A 193 5.07 2.64 -9.29
C ASN A 193 5.13 2.30 -7.80
N SER A 194 6.01 2.94 -7.05
CA SER A 194 6.18 2.67 -5.62
C SER A 194 4.93 2.87 -4.78
N ILE A 195 4.85 2.16 -3.65
CA ILE A 195 3.74 2.38 -2.75
C ILE A 195 4.15 3.73 -2.16
N GLY A 196 3.33 4.74 -2.39
CA GLY A 196 3.66 6.08 -1.96
C GLY A 196 3.70 6.46 -0.49
N ASN A 197 4.61 7.38 -0.20
CA ASN A 197 4.79 7.95 1.11
C ASN A 197 4.79 7.01 2.31
N GLY A 198 5.70 6.04 2.26
CA GLY A 198 5.87 5.10 3.35
C GLY A 198 6.94 5.70 4.25
N LEU A 199 7.18 5.08 5.41
CA LEU A 199 8.17 5.61 6.33
C LEU A 199 9.04 4.50 6.93
N PHE A 200 10.34 4.74 7.03
CA PHE A 200 11.23 3.76 7.65
C PHE A 200 11.98 4.51 8.74
N ILE A 201 12.12 3.85 9.88
CA ILE A 201 12.76 4.48 11.03
C ILE A 201 13.93 3.68 11.58
N ASP A 202 14.98 4.38 12.00
CA ASP A 202 16.14 3.77 12.62
C ASP A 202 15.79 3.91 14.11
N PRO A 203 15.39 2.80 14.75
CA PRO A 203 15.03 2.84 16.17
C PRO A 203 16.12 3.32 17.12
N GLU A 204 17.37 3.01 16.80
CA GLU A 204 18.48 3.42 17.65
C GLU A 204 18.66 4.93 17.64
N ALA A 205 18.66 5.53 16.45
CA ALA A 205 18.82 6.97 16.31
C ALA A 205 17.50 7.69 16.52
N GLU A 206 16.41 6.93 16.56
CA GLU A 206 15.08 7.51 16.72
C GLU A 206 14.81 8.54 15.63
N SER A 207 15.24 8.25 14.42
CA SER A 207 15.02 9.17 13.30
C SER A 207 14.73 8.45 12.00
N VAL A 208 14.29 9.23 11.00
CA VAL A 208 13.97 8.69 9.69
C VAL A 208 15.30 8.42 8.98
N VAL A 209 15.26 7.78 7.82
CA VAL A 209 16.51 7.47 7.11
C VAL A 209 16.75 8.22 5.81
N ILE A 210 15.80 9.04 5.38
CA ILE A 210 16.02 9.84 4.18
C ILE A 210 15.72 11.28 4.57
N LYS A 211 16.45 12.21 3.96
CA LYS A 211 16.31 13.62 4.25
C LYS A 211 15.07 14.37 3.74
N PRO A 212 14.69 14.17 2.48
CA PRO A 212 13.51 14.90 2.03
C PRO A 212 12.18 14.49 2.63
N LYS A 213 11.21 15.41 2.60
CA LYS A 213 9.86 15.17 3.11
C LYS A 213 9.77 14.48 4.46
N ASP A 214 10.60 14.94 5.40
CA ASP A 214 10.61 14.38 6.76
C ASP A 214 10.70 12.86 6.81
N GLY A 215 11.40 12.28 5.83
CA GLY A 215 11.57 10.84 5.81
C GLY A 215 10.57 10.00 5.03
N PHE A 216 9.51 10.63 4.51
CA PHE A 216 8.50 9.90 3.75
C PHE A 216 8.99 9.63 2.32
N GLY A 217 8.86 8.39 1.87
CA GLY A 217 9.32 8.05 0.53
C GLY A 217 8.61 6.86 -0.09
N GLY A 218 8.87 6.64 -1.37
CA GLY A 218 8.26 5.51 -2.07
C GLY A 218 8.85 4.20 -1.62
N ILE A 219 7.99 3.22 -1.38
CA ILE A 219 8.44 1.90 -0.95
C ILE A 219 8.45 0.90 -2.11
N GLY A 220 9.54 0.16 -2.24
CA GLY A 220 9.64 -0.83 -3.30
C GLY A 220 10.18 -2.13 -2.72
N GLY A 221 10.25 -3.18 -3.54
CA GLY A 221 10.77 -4.44 -3.06
C GLY A 221 9.75 -5.45 -2.59
N ALA A 222 10.18 -6.39 -1.75
CA ALA A 222 9.30 -7.43 -1.24
C ALA A 222 8.05 -6.87 -0.56
N TYR A 223 8.18 -5.70 0.06
CA TYR A 223 7.05 -5.05 0.74
C TYR A 223 5.82 -4.92 -0.17
N ILE A 224 6.07 -4.59 -1.44
CA ILE A 224 4.97 -4.32 -2.34
C ILE A 224 4.52 -5.38 -3.35
N LYS A 225 5.11 -6.57 -3.33
CA LYS A 225 4.69 -7.55 -4.32
C LYS A 225 3.20 -7.88 -4.29
N PRO A 226 2.62 -8.07 -3.08
CA PRO A 226 1.19 -8.39 -3.05
C PRO A 226 0.35 -7.32 -3.75
N THR A 227 0.71 -6.07 -3.52
CA THR A 227 -0.01 -4.95 -4.14
C THR A 227 0.25 -4.89 -5.64
N ALA A 228 1.50 -5.09 -6.04
CA ALA A 228 1.85 -5.06 -7.44
C ALA A 228 1.13 -6.16 -8.22
N LEU A 229 1.16 -7.39 -7.70
CA LEU A 229 0.47 -8.49 -8.38
C LEU A 229 -1.03 -8.22 -8.49
N ALA A 230 -1.62 -7.67 -7.43
CA ALA A 230 -3.06 -7.38 -7.44
C ALA A 230 -3.41 -6.37 -8.52
N ASN A 231 -2.57 -5.34 -8.66
CA ASN A 231 -2.81 -4.30 -9.65
C ASN A 231 -2.66 -4.85 -11.07
N VAL A 232 -1.65 -5.67 -11.28
CA VAL A 232 -1.46 -6.26 -12.59
C VAL A 232 -2.68 -7.14 -12.93
N ARG A 233 -3.08 -7.99 -12.00
CA ARG A 233 -4.22 -8.87 -12.23
C ARG A 233 -5.55 -8.13 -12.38
N ALA A 234 -5.79 -7.13 -11.52
CA ALA A 234 -7.04 -6.38 -11.59
C ALA A 234 -7.22 -5.66 -12.91
N PHE A 235 -6.14 -5.11 -13.47
CA PHE A 235 -6.25 -4.43 -14.76
C PHE A 235 -6.34 -5.44 -15.89
N TYR A 236 -5.66 -6.58 -15.73
CA TYR A 236 -5.70 -7.61 -16.76
C TYR A 236 -7.13 -8.08 -17.04
N THR A 237 -7.95 -8.19 -15.99
CA THR A 237 -9.32 -8.64 -16.17
C THR A 237 -10.30 -7.51 -16.49
N ARG A 238 -9.80 -6.28 -16.56
CA ARG A 238 -10.65 -5.13 -16.84
C ARG A 238 -10.32 -4.34 -18.11
N LEU A 239 -9.04 -4.33 -18.49
CA LEU A 239 -8.63 -3.60 -19.69
C LEU A 239 -8.99 -4.35 -20.96
N LYS A 240 -9.30 -3.60 -22.01
CA LYS A 240 -9.60 -4.21 -23.30
C LYS A 240 -8.29 -4.84 -23.75
N PRO A 241 -8.36 -5.96 -24.48
CA PRO A 241 -7.14 -6.64 -24.93
C PRO A 241 -6.12 -5.80 -25.71
N GLU A 242 -6.58 -4.71 -26.31
CA GLU A 242 -5.67 -3.84 -27.06
C GLU A 242 -4.63 -3.21 -26.15
N ILE A 243 -4.96 -3.08 -24.87
CA ILE A 243 -4.03 -2.49 -23.90
C ILE A 243 -3.32 -3.58 -23.11
N GLN A 244 -2.02 -3.74 -23.37
CA GLN A 244 -1.24 -4.76 -22.67
C GLN A 244 -0.73 -4.23 -21.33
N ILE A 245 -0.07 -5.09 -20.57
CA ILE A 245 0.40 -4.69 -19.25
C ILE A 245 1.88 -4.98 -18.99
N ILE A 246 2.53 -4.06 -18.29
CA ILE A 246 3.91 -4.24 -17.88
C ILE A 246 3.81 -4.41 -16.37
N GLY A 247 4.35 -5.51 -15.85
CA GLY A 247 4.30 -5.74 -14.42
C GLY A 247 5.56 -5.24 -13.73
N THR A 248 5.37 -4.45 -12.68
CA THR A 248 6.50 -3.89 -11.94
C THR A 248 6.20 -3.92 -10.44
N GLY A 249 7.16 -4.40 -9.66
CA GLY A 249 6.98 -4.43 -8.23
C GLY A 249 7.34 -5.73 -7.54
N GLY A 250 8.38 -5.68 -6.72
CA GLY A 250 8.82 -6.84 -5.97
C GLY A 250 9.41 -7.99 -6.76
N ILE A 251 9.88 -7.71 -7.97
CA ILE A 251 10.46 -8.77 -8.79
C ILE A 251 11.94 -8.93 -8.47
N GLU A 252 12.31 -10.08 -7.91
CA GLU A 252 13.70 -10.35 -7.56
C GLU A 252 14.14 -11.72 -8.04
N THR A 253 13.23 -12.69 -8.02
CA THR A 253 13.54 -14.05 -8.45
C THR A 253 12.69 -14.49 -9.64
N GLY A 254 13.05 -15.61 -10.23
CA GLY A 254 12.28 -16.15 -11.35
C GLY A 254 10.86 -16.43 -10.92
N GLN A 255 10.69 -16.79 -9.66
CA GLN A 255 9.38 -17.09 -9.10
C GLN A 255 8.51 -15.81 -9.11
N ASP A 256 9.12 -14.69 -8.73
CA ASP A 256 8.37 -13.43 -8.70
C ASP A 256 7.93 -13.07 -10.12
N ALA A 257 8.82 -13.30 -11.08
CA ALA A 257 8.54 -13.01 -12.48
C ALA A 257 7.40 -13.90 -12.96
N PHE A 258 7.49 -15.17 -12.61
CA PHE A 258 6.49 -16.17 -12.97
C PHE A 258 5.10 -15.73 -12.50
N GLU A 259 5.05 -15.24 -11.27
CA GLU A 259 3.78 -14.78 -10.69
C GLU A 259 3.18 -13.60 -11.44
N HIS A 260 3.99 -12.61 -11.79
CA HIS A 260 3.50 -11.45 -12.54
C HIS A 260 2.97 -11.89 -13.90
N LEU A 261 3.68 -12.78 -14.56
CA LEU A 261 3.25 -13.28 -15.87
C LEU A 261 1.94 -14.06 -15.76
N LEU A 262 1.82 -14.85 -14.69
CA LEU A 262 0.62 -15.64 -14.44
C LEU A 262 -0.57 -14.68 -14.26
N CYS A 263 -0.30 -13.50 -13.71
CA CYS A 263 -1.35 -12.51 -13.50
C CYS A 263 -1.81 -11.83 -14.78
N GLY A 264 -0.92 -11.73 -15.76
CA GLY A 264 -1.30 -11.09 -17.01
C GLY A 264 -0.26 -10.12 -17.57
N ALA A 265 0.81 -9.87 -16.84
CA ALA A 265 1.85 -8.97 -17.33
C ALA A 265 2.52 -9.56 -18.56
N THR A 266 2.91 -8.71 -19.50
CA THR A 266 3.60 -9.18 -20.71
C THR A 266 5.09 -8.85 -20.58
N MET A 267 5.40 -7.62 -20.18
CA MET A 267 6.78 -7.21 -19.96
C MET A 267 6.91 -7.12 -18.43
N LEU A 268 8.14 -7.20 -17.93
CA LEU A 268 8.41 -7.13 -16.49
C LEU A 268 9.53 -6.16 -16.20
N GLN A 269 9.34 -5.30 -15.20
CA GLN A 269 10.41 -4.35 -14.87
C GLN A 269 10.93 -4.58 -13.47
N ILE A 270 12.24 -4.42 -13.31
CA ILE A 270 12.91 -4.64 -12.04
C ILE A 270 13.52 -3.34 -11.54
N GLY A 271 13.10 -2.93 -10.34
CA GLY A 271 13.61 -1.70 -9.76
C GLY A 271 14.60 -1.96 -8.63
N THR A 272 14.07 -2.09 -7.41
CA THR A 272 14.89 -2.32 -6.23
C THR A 272 15.95 -3.40 -6.37
N ALA A 273 15.57 -4.58 -6.86
CA ALA A 273 16.52 -5.68 -7.01
C ALA A 273 17.67 -5.32 -7.96
N LEU A 274 17.38 -4.58 -9.02
CA LEU A 274 18.39 -4.16 -9.98
C LEU A 274 19.33 -3.13 -9.36
N HIS A 275 18.75 -2.24 -8.55
CA HIS A 275 19.50 -1.20 -7.87
C HIS A 275 20.56 -1.85 -6.98
N LYS A 276 20.18 -2.93 -6.31
CA LYS A 276 21.08 -3.65 -5.42
C LYS A 276 22.09 -4.58 -6.09
N GLU A 277 21.65 -5.29 -7.13
CA GLU A 277 22.48 -6.27 -7.81
C GLU A 277 23.23 -5.82 -9.06
N GLY A 278 22.70 -4.84 -9.77
CA GLY A 278 23.35 -4.39 -10.98
C GLY A 278 22.79 -5.19 -12.15
N PRO A 279 23.15 -4.85 -13.41
CA PRO A 279 22.69 -5.52 -14.62
C PRO A 279 22.85 -7.05 -14.68
N ALA A 280 23.73 -7.60 -13.85
CA ALA A 280 23.93 -9.04 -13.84
C ALA A 280 22.65 -9.77 -13.45
N ILE A 281 21.74 -9.05 -12.81
CA ILE A 281 20.49 -9.64 -12.36
C ILE A 281 19.69 -10.25 -13.51
N PHE A 282 19.73 -9.61 -14.67
CA PHE A 282 18.99 -10.12 -15.81
C PHE A 282 19.38 -11.54 -16.20
N ASP A 283 20.68 -11.83 -16.23
CA ASP A 283 21.07 -13.17 -16.59
C ASP A 283 20.61 -14.17 -15.53
N ARG A 284 20.70 -13.79 -14.26
CA ARG A 284 20.28 -14.66 -13.17
C ARG A 284 18.78 -14.96 -13.20
N ILE A 285 17.96 -13.92 -13.25
CA ILE A 285 16.52 -14.09 -13.22
C ILE A 285 15.97 -14.80 -14.47
N ILE A 286 16.61 -14.58 -15.62
CA ILE A 286 16.17 -15.25 -16.84
C ILE A 286 16.36 -16.76 -16.64
N LYS A 287 17.52 -17.14 -16.11
CA LYS A 287 17.79 -18.55 -15.87
C LYS A 287 16.85 -19.15 -14.84
N GLU A 288 16.53 -18.37 -13.81
CA GLU A 288 15.62 -18.84 -12.77
C GLU A 288 14.22 -19.08 -13.36
N LEU A 289 13.77 -18.17 -14.21
CA LEU A 289 12.45 -18.32 -14.81
C LEU A 289 12.43 -19.52 -15.77
N GLU A 290 13.49 -19.69 -16.55
CA GLU A 290 13.54 -20.81 -17.48
C GLU A 290 13.55 -22.15 -16.76
N GLU A 291 14.17 -22.19 -15.58
CA GLU A 291 14.21 -23.42 -14.79
C GLU A 291 12.79 -23.76 -14.33
N ILE A 292 12.06 -22.75 -13.90
CA ILE A 292 10.67 -22.96 -13.44
C ILE A 292 9.84 -23.51 -14.59
N MET A 293 10.01 -22.94 -15.77
CA MET A 293 9.28 -23.38 -16.94
C MET A 293 9.68 -24.80 -17.33
N ASN A 294 10.97 -25.11 -17.28
CA ASN A 294 11.44 -26.45 -17.61
C ASN A 294 10.85 -27.50 -16.69
N GLN A 295 10.80 -27.19 -15.39
CA GLN A 295 10.22 -28.12 -14.41
C GLN A 295 8.75 -28.38 -14.69
N LYS A 296 8.07 -27.36 -15.19
CA LYS A 296 6.64 -27.45 -15.48
C LYS A 296 6.37 -27.92 -16.90
N GLY A 297 7.44 -28.09 -17.68
CA GLY A 297 7.29 -28.53 -19.06
C GLY A 297 6.79 -27.46 -20.00
N TYR A 298 7.00 -26.20 -19.64
CA TYR A 298 6.58 -25.08 -20.48
C TYR A 298 7.72 -24.64 -21.38
N GLN A 299 7.40 -24.37 -22.65
CA GLN A 299 8.42 -23.93 -23.60
C GLN A 299 8.20 -22.49 -24.07
N SER A 300 7.12 -21.87 -23.62
CA SER A 300 6.82 -20.49 -23.98
C SER A 300 5.96 -19.85 -22.89
N ILE A 301 6.09 -18.54 -22.75
CA ILE A 301 5.34 -17.80 -21.74
C ILE A 301 3.84 -17.96 -22.00
N ALA A 302 3.47 -18.17 -23.25
CA ALA A 302 2.06 -18.36 -23.61
C ALA A 302 1.46 -19.57 -22.90
N ASP A 303 2.29 -20.51 -22.48
CA ASP A 303 1.81 -21.69 -21.78
C ASP A 303 1.17 -21.38 -20.43
N PHE A 304 1.46 -20.21 -19.86
CA PHE A 304 0.88 -19.85 -18.56
C PHE A 304 0.50 -18.37 -18.41
N HIS A 305 0.79 -17.57 -19.43
CA HIS A 305 0.46 -16.15 -19.35
C HIS A 305 -1.00 -15.87 -19.01
N GLY A 306 -1.21 -15.13 -17.93
CA GLY A 306 -2.55 -14.77 -17.48
C GLY A 306 -3.42 -15.90 -16.97
N LYS A 307 -2.84 -17.09 -16.83
CA LYS A 307 -3.62 -18.25 -16.39
C LYS A 307 -3.74 -18.46 -14.88
N LEU A 308 -3.53 -17.41 -14.08
CA LEU A 308 -3.66 -17.53 -12.63
C LEU A 308 -5.02 -18.12 -12.30
N LYS A 309 -5.05 -19.17 -11.47
CA LYS A 309 -6.33 -19.80 -11.13
C LYS A 309 -6.94 -19.29 -9.84
N SER A 310 -8.27 -19.15 -9.86
CA SER A 310 -9.01 -18.73 -8.67
C SER A 310 -9.45 -20.02 -8.01
N LEU A 311 -9.83 -19.96 -6.73
CA LEU A 311 -10.28 -21.15 -6.02
C LEU A 311 -11.77 -21.37 -6.19
N MET B 1 6.20 1.31 33.75
CA MET B 1 6.90 2.04 32.67
C MET B 1 5.99 2.36 31.48
N LEU B 2 5.03 1.47 31.21
CA LEU B 2 4.13 1.64 30.07
C LEU B 2 2.77 2.24 30.36
N ASN B 3 2.57 2.70 31.59
CA ASN B 3 1.29 3.32 31.95
C ASN B 3 0.91 4.35 30.89
N THR B 4 -0.34 4.28 30.43
CA THR B 4 -0.82 5.14 29.37
C THR B 4 -2.18 5.78 29.67
N THR B 5 -2.34 7.04 29.25
CA THR B 5 -3.59 7.76 29.40
C THR B 5 -4.11 7.97 27.98
N PHE B 6 -5.33 7.51 27.74
CA PHE B 6 -5.93 7.60 26.41
C PHE B 6 -7.44 7.79 26.58
N ALA B 7 -8.02 8.70 25.81
CA ALA B 7 -9.46 8.97 25.89
C ALA B 7 -9.85 9.25 27.34
N ASN B 8 -8.97 9.95 28.05
CA ASN B 8 -9.19 10.31 29.46
C ASN B 8 -9.31 9.11 30.39
N ALA B 9 -8.78 7.96 29.96
CA ALA B 9 -8.83 6.76 30.76
C ALA B 9 -7.41 6.24 30.99
N LYS B 10 -7.22 5.46 32.06
CA LYS B 10 -5.92 4.92 32.38
C LYS B 10 -5.79 3.46 31.98
N PHE B 11 -4.69 3.13 31.32
CA PHE B 11 -4.40 1.77 30.88
C PHE B 11 -3.02 1.38 31.40
N ALA B 12 -2.85 0.11 31.75
CA ALA B 12 -1.57 -0.39 32.29
C ALA B 12 -0.44 -0.33 31.25
N ASN B 13 -0.83 -0.49 29.98
CA ASN B 13 0.13 -0.44 28.88
C ASN B 13 -0.67 -0.10 27.61
N PRO B 14 0.01 0.30 26.53
CA PRO B 14 -0.71 0.65 25.30
C PRO B 14 -1.17 -0.48 24.38
N PHE B 15 -0.74 -1.70 24.64
CA PHE B 15 -1.09 -2.83 23.78
C PHE B 15 -2.52 -3.36 23.82
N MET B 16 -3.05 -3.63 22.63
CA MET B 16 -4.39 -4.16 22.46
C MET B 16 -4.37 -5.12 21.27
N ASN B 17 -5.46 -5.86 21.09
CA ASN B 17 -5.56 -6.72 19.93
C ASN B 17 -6.11 -5.76 18.87
N ALA B 18 -5.97 -6.12 17.60
CA ALA B 18 -6.52 -5.30 16.53
C ALA B 18 -7.90 -5.92 16.29
N SER B 19 -8.91 -5.10 16.01
CA SER B 19 -10.24 -5.64 15.78
C SER B 19 -10.17 -6.71 14.71
N GLY B 20 -10.94 -7.78 14.88
CA GLY B 20 -10.94 -8.86 13.91
C GLY B 20 -10.07 -10.04 14.33
N VAL B 21 -9.13 -9.79 15.22
CA VAL B 21 -8.22 -10.85 15.68
C VAL B 21 -8.43 -11.22 17.13
N HIS B 22 -8.74 -12.49 17.37
CA HIS B 22 -8.96 -13.03 18.71
C HIS B 22 -10.02 -12.27 19.52
N CYS B 23 -11.13 -11.93 18.87
CA CYS B 23 -12.18 -11.17 19.56
C CYS B 23 -13.58 -11.43 19.00
N MET B 24 -13.76 -12.63 18.45
CA MET B 24 -15.03 -13.00 17.84
C MET B 24 -16.11 -13.42 18.84
N THR B 25 -15.69 -14.23 19.81
CA THR B 25 -16.60 -14.74 20.82
C THR B 25 -16.30 -14.22 22.21
N ILE B 26 -17.24 -14.45 23.12
CA ILE B 26 -17.06 -14.04 24.51
C ILE B 26 -15.82 -14.76 25.04
N GLU B 27 -15.63 -16.00 24.63
CA GLU B 27 -14.47 -16.77 25.07
C GLU B 27 -13.17 -16.10 24.63
N ASP B 28 -13.15 -15.62 23.39
CA ASP B 28 -11.97 -14.93 22.86
C ASP B 28 -11.70 -13.69 23.68
N LEU B 29 -12.76 -12.92 23.92
CA LEU B 29 -12.65 -11.67 24.68
C LEU B 29 -12.17 -11.88 26.11
N GLU B 30 -12.65 -12.94 26.76
CA GLU B 30 -12.25 -13.23 28.13
C GLU B 30 -10.76 -13.59 28.15
N GLU B 31 -10.30 -14.23 27.06
CA GLU B 31 -8.90 -14.61 26.95
C GLU B 31 -8.05 -13.36 26.83
N LEU B 32 -8.55 -12.35 26.14
CA LEU B 32 -7.80 -11.10 26.01
C LEU B 32 -7.81 -10.38 27.35
N LYS B 33 -8.92 -10.46 28.07
CA LYS B 33 -9.02 -9.81 29.37
C LYS B 33 -8.00 -10.43 30.33
N ALA B 34 -7.83 -11.75 30.22
CA ALA B 34 -6.90 -12.48 31.08
C ALA B 34 -5.44 -12.25 30.71
N SER B 35 -5.19 -11.84 29.47
CA SER B 35 -3.82 -11.60 29.00
C SER B 35 -3.27 -10.30 29.58
N GLN B 36 -2.04 -9.97 29.18
CA GLN B 36 -1.38 -8.75 29.65
C GLN B 36 -1.70 -7.54 28.78
N ALA B 37 -2.61 -7.70 27.84
CA ALA B 37 -3.00 -6.60 26.96
C ALA B 37 -3.54 -5.47 27.83
N GLY B 38 -3.15 -4.24 27.53
CA GLY B 38 -3.62 -3.10 28.29
C GLY B 38 -5.11 -2.86 28.09
N ALA B 39 -5.60 -3.22 26.91
CA ALA B 39 -7.00 -3.07 26.59
C ALA B 39 -7.33 -3.97 25.41
N TYR B 40 -8.62 -4.14 25.12
CA TYR B 40 -9.00 -4.98 23.99
C TYR B 40 -10.25 -4.44 23.33
N ILE B 41 -10.45 -4.86 22.09
CA ILE B 41 -11.56 -4.40 21.28
C ILE B 41 -12.30 -5.59 20.66
N THR B 42 -13.61 -5.44 20.51
CA THR B 42 -14.44 -6.48 19.94
C THR B 42 -14.33 -6.53 18.42
N LYS B 43 -14.73 -7.67 17.85
CA LYS B 43 -14.74 -7.85 16.40
C LYS B 43 -15.75 -6.85 15.85
N SER B 44 -15.44 -6.22 14.71
CA SER B 44 -16.38 -5.26 14.12
C SER B 44 -17.71 -5.97 13.91
N SER B 45 -18.80 -5.37 14.38
CA SER B 45 -20.08 -6.02 14.22
C SER B 45 -21.04 -5.32 13.27
N THR B 46 -22.02 -6.09 12.82
CA THR B 46 -23.06 -5.60 11.91
C THR B 46 -24.35 -5.82 12.67
N LEU B 47 -25.45 -5.24 12.20
CA LEU B 47 -26.72 -5.41 12.91
C LEU B 47 -27.10 -6.88 13.02
N GLU B 48 -26.91 -7.62 11.93
CA GLU B 48 -27.21 -9.05 11.88
C GLU B 48 -25.96 -9.91 11.97
N LYS B 49 -26.10 -11.11 12.53
CA LYS B 49 -24.99 -12.03 12.64
C LYS B 49 -24.57 -12.37 11.20
N ARG B 50 -23.27 -12.51 10.97
CA ARG B 50 -22.75 -12.81 9.63
C ARG B 50 -21.84 -14.02 9.64
N GLU B 51 -21.98 -14.88 8.64
CA GLU B 51 -21.14 -16.06 8.52
C GLU B 51 -19.80 -15.71 7.89
N GLY B 52 -19.79 -14.63 7.11
CA GLY B 52 -18.56 -14.20 6.46
C GLY B 52 -18.38 -14.84 5.10
N ASN B 53 -17.19 -14.70 4.52
CA ASN B 53 -16.90 -15.26 3.19
C ASN B 53 -16.51 -16.74 3.25
N PRO B 54 -16.52 -17.41 2.08
CA PRO B 54 -16.17 -18.84 1.97
C PRO B 54 -14.70 -19.06 2.34
N LEU B 55 -14.36 -20.26 2.81
CA LEU B 55 -12.99 -20.59 3.16
C LEU B 55 -12.30 -21.30 1.99
N PRO B 56 -10.96 -21.24 1.93
CA PRO B 56 -10.07 -20.55 2.86
C PRO B 56 -10.15 -19.03 2.70
N ARG B 57 -10.12 -18.31 3.83
CA ARG B 57 -10.21 -16.85 3.79
C ARG B 57 -9.12 -16.14 4.57
N TYR B 58 -8.22 -16.92 5.18
CA TYR B 58 -7.09 -16.36 5.91
C TYR B 58 -5.90 -17.28 5.73
N VAL B 59 -4.75 -16.70 5.41
CA VAL B 59 -3.52 -17.47 5.21
C VAL B 59 -2.31 -16.75 5.80
N ASP B 60 -1.51 -17.48 6.57
CA ASP B 60 -0.29 -16.92 7.16
C ASP B 60 0.77 -16.88 6.08
N LEU B 61 1.47 -15.76 5.99
CA LEU B 61 2.53 -15.59 5.00
C LEU B 61 3.85 -15.30 5.71
N GLU B 62 4.95 -15.59 5.04
CA GLU B 62 6.26 -15.35 5.63
C GLU B 62 6.40 -13.90 6.09
N LEU B 63 5.90 -12.97 5.30
CA LEU B 63 6.00 -11.55 5.64
C LEU B 63 4.72 -10.93 6.21
N GLY B 64 3.78 -11.76 6.63
CA GLY B 64 2.55 -11.21 7.19
C GLY B 64 1.36 -12.13 7.01
N SER B 65 0.29 -11.60 6.43
CA SER B 65 -0.92 -12.38 6.22
C SER B 65 -1.79 -11.74 5.14
N ILE B 66 -2.72 -12.52 4.63
CA ILE B 66 -3.68 -12.05 3.65
C ILE B 66 -5.02 -12.64 4.09
N ASN B 67 -6.09 -11.88 3.94
CA ASN B 67 -7.39 -12.39 4.35
C ASN B 67 -8.54 -11.65 3.68
N SER B 68 -9.68 -12.32 3.64
CA SER B 68 -10.91 -11.75 3.13
C SER B 68 -12.00 -12.41 3.97
N MET B 69 -11.97 -12.14 5.27
CA MET B 69 -12.92 -12.74 6.20
C MET B 69 -14.38 -12.47 5.84
N GLY B 70 -14.68 -11.25 5.42
CA GLY B 70 -16.05 -10.90 5.05
C GLY B 70 -16.91 -10.50 6.24
N LEU B 71 -16.27 -9.92 7.24
CA LEU B 71 -16.95 -9.48 8.45
C LEU B 71 -17.78 -10.52 9.18
N PRO B 72 -17.20 -11.69 9.46
CA PRO B 72 -17.99 -12.70 10.18
C PRO B 72 -18.08 -12.18 11.61
N ASN B 73 -19.29 -12.19 12.19
CA ASN B 73 -19.44 -11.71 13.56
C ASN B 73 -20.77 -12.21 14.12
N LEU B 74 -20.89 -12.20 15.44
CA LEU B 74 -22.11 -12.71 16.07
C LEU B 74 -23.26 -11.71 16.22
N GLY B 75 -23.11 -10.55 15.59
CA GLY B 75 -24.17 -9.55 15.64
C GLY B 75 -24.01 -8.50 16.72
N PHE B 76 -24.49 -7.29 16.41
CA PHE B 76 -24.42 -6.16 17.33
C PHE B 76 -24.93 -6.48 18.74
N ASP B 77 -26.14 -7.04 18.84
CA ASP B 77 -26.71 -7.35 20.14
C ASP B 77 -25.84 -8.25 21.02
N TYR B 78 -25.16 -9.22 20.40
CA TYR B 78 -24.30 -10.14 21.13
C TYR B 78 -23.18 -9.38 21.83
N TYR B 79 -22.50 -8.52 21.09
CA TYR B 79 -21.39 -7.76 21.65
C TYR B 79 -21.84 -6.70 22.65
N LEU B 80 -22.94 -6.00 22.34
CA LEU B 80 -23.43 -4.97 23.26
C LEU B 80 -23.83 -5.63 24.59
N ASP B 81 -24.57 -6.72 24.52
CA ASP B 81 -24.98 -7.41 25.74
C ASP B 81 -23.76 -7.81 26.57
N TYR B 82 -22.72 -8.27 25.91
CA TYR B 82 -21.50 -8.67 26.60
C TYR B 82 -20.82 -7.50 27.32
N VAL B 83 -20.46 -6.46 26.58
CA VAL B 83 -19.78 -5.31 27.16
C VAL B 83 -20.57 -4.66 28.29
N LEU B 84 -21.90 -4.68 28.18
CA LEU B 84 -22.74 -4.07 29.23
C LEU B 84 -22.65 -4.85 30.53
N LYS B 85 -22.62 -6.17 30.44
CA LYS B 85 -22.54 -7.01 31.63
C LYS B 85 -21.15 -6.95 32.24
N ASN B 86 -20.15 -6.93 31.37
CA ASN B 86 -18.76 -6.89 31.79
C ASN B 86 -18.42 -5.56 32.46
N GLN B 87 -19.11 -4.50 32.02
CA GLN B 87 -18.93 -3.16 32.54
C GLN B 87 -19.36 -3.11 34.00
N LYS B 88 -20.44 -3.81 34.32
CA LYS B 88 -20.99 -3.84 35.67
C LYS B 88 -20.10 -4.55 36.70
N GLU B 89 -19.17 -5.38 36.23
CA GLU B 89 -18.29 -6.10 37.15
C GLU B 89 -17.06 -5.33 37.62
N ASN B 90 -16.67 -4.28 36.91
CA ASN B 90 -15.49 -3.49 37.31
C ASN B 90 -14.32 -4.45 37.53
N ALA B 91 -14.15 -5.40 36.63
CA ALA B 91 -13.10 -6.40 36.74
C ALA B 91 -11.89 -6.14 35.85
N GLN B 92 -11.71 -4.90 35.41
CA GLN B 92 -10.57 -4.57 34.58
C GLN B 92 -10.27 -3.07 34.56
N GLU B 93 -8.99 -2.73 34.46
CA GLU B 93 -8.56 -1.34 34.41
C GLU B 93 -8.63 -0.84 32.98
N GLY B 94 -9.50 0.15 32.75
CA GLY B 94 -9.64 0.68 31.41
C GLY B 94 -10.86 0.12 30.71
N PRO B 95 -11.61 0.97 30.00
CA PRO B 95 -12.82 0.56 29.28
C PRO B 95 -12.54 -0.36 28.10
N ILE B 96 -13.56 -1.12 27.70
CA ILE B 96 -13.43 -2.01 26.56
C ILE B 96 -13.78 -1.19 25.32
N PHE B 97 -13.21 -1.57 24.18
CA PHE B 97 -13.47 -0.88 22.92
C PHE B 97 -14.51 -1.69 22.15
N PHE B 98 -15.44 -1.00 21.51
CA PHE B 98 -16.51 -1.64 20.76
C PHE B 98 -16.48 -1.20 19.30
N SER B 99 -16.17 -2.13 18.41
CA SER B 99 -16.08 -1.82 16.98
C SER B 99 -17.35 -2.14 16.20
N ILE B 100 -17.74 -1.22 15.32
CA ILE B 100 -18.91 -1.43 14.49
C ILE B 100 -18.51 -1.17 13.03
N ALA B 101 -19.09 -1.95 12.12
CA ALA B 101 -18.80 -1.81 10.70
C ALA B 101 -20.08 -2.10 9.92
N GLY B 102 -21.05 -1.19 10.04
CA GLY B 102 -22.32 -1.36 9.35
C GLY B 102 -22.20 -1.57 7.86
N MET B 103 -23.11 -2.36 7.30
CA MET B 103 -23.12 -2.66 5.86
C MET B 103 -23.58 -1.43 5.08
N SER B 104 -24.02 -0.39 5.79
CA SER B 104 -24.49 0.83 5.17
C SER B 104 -24.49 1.98 6.17
N ALA B 105 -24.63 3.20 5.68
CA ALA B 105 -24.67 4.36 6.56
C ALA B 105 -25.80 4.20 7.57
N ALA B 106 -26.96 3.76 7.08
CA ALA B 106 -28.12 3.58 7.95
C ALA B 106 -27.83 2.58 9.05
N GLU B 107 -27.12 1.50 8.72
CA GLU B 107 -26.81 0.50 9.72
C GLU B 107 -25.86 1.07 10.78
N ASN B 108 -24.88 1.87 10.35
CA ASN B 108 -23.95 2.47 11.29
C ASN B 108 -24.66 3.46 12.22
N ILE B 109 -25.54 4.27 11.65
CA ILE B 109 -26.28 5.24 12.45
C ILE B 109 -27.15 4.50 13.47
N ALA B 110 -27.79 3.42 13.02
CA ALA B 110 -28.64 2.62 13.89
C ALA B 110 -27.88 2.05 15.09
N MET B 111 -26.70 1.49 14.83
CA MET B 111 -25.90 0.92 15.90
C MET B 111 -25.37 2.01 16.85
N LEU B 112 -24.95 3.13 16.28
CA LEU B 112 -24.45 4.23 17.10
C LEU B 112 -25.56 4.78 17.98
N LYS B 113 -26.78 4.81 17.47
CA LYS B 113 -27.90 5.31 18.27
C LYS B 113 -28.20 4.35 19.41
N LYS B 114 -28.03 3.05 19.16
CA LYS B 114 -28.26 2.06 20.20
C LYS B 114 -27.19 2.16 21.28
N ILE B 115 -25.95 2.38 20.87
CA ILE B 115 -24.86 2.52 21.83
C ILE B 115 -25.07 3.77 22.68
N GLN B 116 -25.45 4.86 22.02
CA GLN B 116 -25.69 6.13 22.68
C GLN B 116 -26.79 5.99 23.74
N GLU B 117 -27.85 5.27 23.38
CA GLU B 117 -28.99 5.06 24.27
C GLU B 117 -28.73 4.05 25.36
N SER B 118 -27.79 3.14 25.15
CA SER B 118 -27.46 2.14 26.16
C SER B 118 -26.63 2.77 27.27
N ASP B 119 -26.32 2.00 28.30
CA ASP B 119 -25.51 2.50 29.42
C ASP B 119 -24.02 2.29 29.15
N PHE B 120 -23.66 1.88 27.94
CA PHE B 120 -22.26 1.63 27.59
C PHE B 120 -21.40 2.84 27.93
N SER B 121 -20.37 2.62 28.76
CA SER B 121 -19.49 3.70 29.17
C SER B 121 -18.08 3.54 28.59
N GLY B 122 -17.94 2.58 27.68
CA GLY B 122 -16.65 2.33 27.06
C GLY B 122 -16.40 3.18 25.83
N ILE B 123 -15.46 2.73 25.00
CA ILE B 123 -15.09 3.46 23.80
C ILE B 123 -15.58 2.76 22.53
N THR B 124 -16.05 3.53 21.56
CA THR B 124 -16.57 2.98 20.31
C THR B 124 -15.65 3.29 19.13
N GLU B 125 -15.46 2.31 18.26
CA GLU B 125 -14.63 2.49 17.08
C GLU B 125 -15.46 2.24 15.83
N LEU B 126 -15.61 3.27 15.01
CA LEU B 126 -16.36 3.18 13.76
C LEU B 126 -15.40 2.80 12.64
N ASN B 127 -15.62 1.61 12.09
CA ASN B 127 -14.78 1.07 11.03
C ASN B 127 -15.20 1.59 9.65
N LEU B 128 -14.41 2.49 9.08
CA LEU B 128 -14.72 3.06 7.78
C LEU B 128 -13.76 2.49 6.74
N SER B 129 -13.24 1.29 6.97
CA SER B 129 -12.25 0.75 6.04
C SER B 129 -12.18 -0.75 5.73
N CYS B 130 -13.20 -1.52 6.06
CA CYS B 130 -13.14 -2.95 5.75
C CYS B 130 -12.96 -3.15 4.24
N PRO B 131 -11.83 -3.77 3.83
CA PRO B 131 -11.61 -4.00 2.40
C PRO B 131 -11.99 -5.39 1.90
N ASN B 132 -12.79 -6.13 2.67
CA ASN B 132 -13.16 -7.48 2.26
C ASN B 132 -14.65 -7.77 2.11
N VAL B 133 -15.46 -6.71 1.98
CA VAL B 133 -16.90 -6.89 1.79
C VAL B 133 -17.20 -6.71 0.31
N PRO B 134 -17.55 -7.81 -0.38
CA PRO B 134 -17.85 -7.76 -1.82
C PRO B 134 -18.86 -6.69 -2.19
N GLY B 135 -18.49 -5.87 -3.19
CA GLY B 135 -19.38 -4.81 -3.66
C GLY B 135 -19.49 -3.63 -2.72
N LYS B 136 -18.64 -3.59 -1.70
CA LYS B 136 -18.66 -2.50 -0.74
C LYS B 136 -17.27 -1.89 -0.55
N PRO B 137 -16.96 -0.81 -1.28
CA PRO B 137 -15.65 -0.17 -1.15
C PRO B 137 -15.41 0.49 0.20
N GLN B 138 -14.14 0.75 0.50
CA GLN B 138 -13.75 1.38 1.76
C GLN B 138 -14.28 2.82 1.78
N LEU B 139 -15.24 3.07 2.67
CA LEU B 139 -15.86 4.39 2.79
C LEU B 139 -14.90 5.55 2.98
N ALA B 140 -13.84 5.32 3.75
CA ALA B 140 -12.85 6.36 4.02
C ALA B 140 -12.05 6.81 2.81
N TYR B 141 -12.32 6.22 1.65
CA TYR B 141 -11.62 6.63 0.43
C TYR B 141 -12.55 7.57 -0.34
N ASP B 142 -13.75 7.76 0.20
CA ASP B 142 -14.74 8.67 -0.38
C ASP B 142 -14.88 9.79 0.64
N PHE B 143 -14.03 10.80 0.52
CA PHE B 143 -14.02 11.91 1.46
C PHE B 143 -15.37 12.59 1.65
N GLU B 144 -16.13 12.74 0.56
CA GLU B 144 -17.43 13.37 0.63
C GLU B 144 -18.40 12.54 1.48
N ALA B 145 -18.48 11.25 1.17
CA ALA B 145 -19.37 10.35 1.91
C ALA B 145 -18.96 10.24 3.38
N THR B 146 -17.65 10.27 3.64
CA THR B 146 -17.13 10.18 4.99
C THR B 146 -17.54 11.38 5.83
N GLU B 147 -17.37 12.57 5.28
CA GLU B 147 -17.72 13.79 6.00
C GLU B 147 -19.22 13.84 6.25
N LYS B 148 -20.01 13.44 5.26
CA LYS B 148 -21.47 13.45 5.39
C LYS B 148 -21.92 12.53 6.52
N LEU B 149 -21.32 11.35 6.60
CA LEU B 149 -21.68 10.39 7.65
C LEU B 149 -21.30 10.91 9.03
N LEU B 150 -20.07 11.41 9.18
CA LEU B 150 -19.61 11.91 10.46
C LEU B 150 -20.42 13.11 10.97
N LYS B 151 -20.84 13.97 10.06
CA LYS B 151 -21.64 15.11 10.47
C LYS B 151 -22.94 14.63 11.10
N GLU B 152 -23.57 13.63 10.50
CA GLU B 152 -24.82 13.10 11.05
C GLU B 152 -24.55 12.39 12.37
N VAL B 153 -23.45 11.64 12.43
CA VAL B 153 -23.11 10.92 13.65
C VAL B 153 -22.99 11.87 14.84
N PHE B 154 -22.27 12.98 14.66
CA PHE B 154 -22.07 13.92 15.75
C PHE B 154 -23.23 14.84 16.09
N THR B 155 -24.37 14.62 15.44
CA THR B 155 -25.53 15.43 15.77
C THR B 155 -26.20 14.75 16.96
N PHE B 156 -25.73 13.56 17.31
CA PHE B 156 -26.31 12.82 18.44
C PHE B 156 -25.35 11.99 19.29
N PHE B 157 -24.25 11.52 18.71
CA PHE B 157 -23.31 10.68 19.47
C PHE B 157 -22.37 11.53 20.32
N THR B 158 -22.51 11.41 21.64
CA THR B 158 -21.69 12.17 22.57
C THR B 158 -20.65 11.34 23.31
N LYS B 159 -20.68 10.04 23.13
CA LYS B 159 -19.74 9.15 23.81
C LYS B 159 -18.42 9.04 23.04
N PRO B 160 -17.36 8.56 23.71
CA PRO B 160 -16.05 8.43 23.06
C PRO B 160 -16.13 7.67 21.74
N LEU B 161 -15.67 8.31 20.67
CA LEU B 161 -15.70 7.68 19.35
C LEU B 161 -14.40 7.85 18.58
N GLY B 162 -13.94 6.76 17.98
CA GLY B 162 -12.73 6.80 17.18
C GLY B 162 -13.09 6.22 15.83
N VAL B 163 -12.25 6.44 14.82
CA VAL B 163 -12.51 5.88 13.50
C VAL B 163 -11.32 5.06 13.03
N LYS B 164 -11.60 3.87 12.52
CA LYS B 164 -10.58 2.98 11.99
C LYS B 164 -10.46 3.34 10.50
N LEU B 165 -9.28 3.80 10.10
CA LEU B 165 -9.06 4.23 8.73
C LEU B 165 -8.18 3.34 7.89
N PRO B 166 -8.38 3.36 6.56
CA PRO B 166 -7.57 2.55 5.66
C PRO B 166 -6.30 3.36 5.46
N PRO B 167 -5.26 2.78 4.86
CA PRO B 167 -4.03 3.54 4.66
C PRO B 167 -4.14 4.51 3.48
N TYR B 168 -3.50 5.68 3.61
CA TYR B 168 -3.46 6.69 2.56
C TYR B 168 -2.02 6.72 2.04
N PHE B 169 -1.84 7.10 0.78
CA PHE B 169 -0.50 7.10 0.19
C PHE B 169 -0.11 8.39 -0.51
N ASP B 170 -0.89 9.44 -0.29
CA ASP B 170 -0.62 10.74 -0.89
C ASP B 170 -0.82 11.78 0.20
N LEU B 171 0.15 12.67 0.35
CA LEU B 171 0.09 13.69 1.39
C LEU B 171 -1.14 14.59 1.32
N VAL B 172 -1.64 14.87 0.12
CA VAL B 172 -2.83 15.70 -0.01
C VAL B 172 -4.03 15.00 0.60
N HIS B 173 -4.04 13.67 0.54
CA HIS B 173 -5.14 12.91 1.12
C HIS B 173 -5.12 13.04 2.65
N PHE B 174 -3.92 13.07 3.23
CA PHE B 174 -3.82 13.23 4.67
C PHE B 174 -4.32 14.63 5.04
N ASP B 175 -4.02 15.61 4.19
CA ASP B 175 -4.47 16.98 4.45
C ASP B 175 -6.00 17.06 4.40
N ILE B 176 -6.58 16.47 3.36
CA ILE B 176 -8.02 16.47 3.18
C ILE B 176 -8.73 15.79 4.34
N MET B 177 -8.25 14.60 4.71
CA MET B 177 -8.86 13.86 5.81
C MET B 177 -8.71 14.56 7.15
N ALA B 178 -7.54 15.14 7.39
CA ALA B 178 -7.30 15.83 8.66
C ALA B 178 -8.27 17.01 8.80
N GLU B 179 -8.46 17.74 7.71
CA GLU B 179 -9.36 18.90 7.72
C GLU B 179 -10.78 18.43 8.06
N ILE B 180 -11.18 17.31 7.46
CA ILE B 180 -12.50 16.77 7.72
C ILE B 180 -12.65 16.34 9.18
N LEU B 181 -11.70 15.54 9.65
CA LEU B 181 -11.75 15.03 11.01
C LEU B 181 -11.62 16.10 12.10
N ASN B 182 -10.77 17.09 11.89
CA ASN B 182 -10.56 18.14 12.89
C ASN B 182 -11.80 18.97 13.24
N GLN B 183 -12.84 18.91 12.42
CA GLN B 183 -14.04 19.68 12.69
C GLN B 183 -14.96 18.97 13.68
N PHE B 184 -14.62 17.73 14.04
CA PHE B 184 -15.44 16.95 14.94
C PHE B 184 -14.78 16.64 16.29
N PRO B 185 -15.61 16.41 17.32
CA PRO B 185 -15.09 16.09 18.66
C PRO B 185 -14.74 14.60 18.73
N LEU B 186 -13.95 14.15 17.76
CA LEU B 186 -13.52 12.76 17.70
C LEU B 186 -12.53 12.47 18.82
N THR B 187 -12.58 11.25 19.34
CA THR B 187 -11.66 10.86 20.41
C THR B 187 -10.33 10.39 19.83
N TYR B 188 -10.38 9.67 18.71
CA TYR B 188 -9.15 9.19 18.10
C TYR B 188 -9.30 8.69 16.67
N VAL B 189 -8.15 8.44 16.05
CA VAL B 189 -8.07 7.91 14.71
C VAL B 189 -7.19 6.66 14.86
N ASN B 190 -7.60 5.56 14.24
CA ASN B 190 -6.84 4.32 14.30
C ASN B 190 -6.31 4.04 12.89
N SER B 191 -5.01 4.19 12.71
CA SER B 191 -4.34 3.93 11.43
C SER B 191 -3.35 2.79 11.71
N VAL B 192 -3.36 1.72 10.90
CA VAL B 192 -4.24 1.56 9.74
C VAL B 192 -4.89 0.19 9.66
N ASN B 193 -5.94 0.10 8.85
CA ASN B 193 -6.60 -1.17 8.60
C ASN B 193 -5.65 -1.79 7.56
N SER B 194 -5.97 -2.99 7.08
CA SER B 194 -5.11 -3.68 6.11
C SER B 194 -4.87 -2.92 4.82
N ILE B 195 -3.74 -3.20 4.16
CA ILE B 195 -3.49 -2.59 2.87
C ILE B 195 -4.50 -3.39 2.02
N GLY B 196 -5.44 -2.68 1.43
CA GLY B 196 -6.49 -3.35 0.68
C GLY B 196 -6.22 -4.04 -0.64
N ASN B 197 -6.97 -5.10 -0.85
CA ASN B 197 -6.93 -5.87 -2.09
C ASN B 197 -5.57 -6.24 -2.66
N GLY B 198 -4.76 -6.90 -1.84
CA GLY B 198 -3.47 -7.38 -2.27
C GLY B 198 -3.68 -8.79 -2.78
N LEU B 199 -2.64 -9.39 -3.36
CA LEU B 199 -2.77 -10.73 -3.90
C LEU B 199 -1.56 -11.60 -3.56
N PHE B 200 -1.81 -12.86 -3.19
CA PHE B 200 -0.71 -13.77 -2.91
C PHE B 200 -0.94 -15.00 -3.78
N ILE B 201 0.12 -15.51 -4.38
CA ILE B 201 0.02 -16.63 -5.28
C ILE B 201 0.91 -17.80 -4.91
N ASP B 202 0.39 -19.02 -5.08
CA ASP B 202 1.15 -20.24 -4.84
C ASP B 202 1.68 -20.54 -6.24
N PRO B 203 2.97 -20.29 -6.48
CA PRO B 203 3.56 -20.54 -7.80
C PRO B 203 3.49 -21.98 -8.30
N GLU B 204 3.54 -22.95 -7.39
CA GLU B 204 3.47 -24.33 -7.82
C GLU B 204 2.09 -24.69 -8.35
N ALA B 205 1.06 -24.32 -7.59
CA ALA B 205 -0.31 -24.60 -7.98
C ALA B 205 -0.80 -23.58 -9.00
N GLU B 206 -0.05 -22.51 -9.19
CA GLU B 206 -0.42 -21.46 -10.13
C GLU B 206 -1.80 -20.92 -9.79
N SER B 207 -2.08 -20.76 -8.50
CA SER B 207 -3.39 -20.25 -8.08
C SER B 207 -3.28 -19.36 -6.85
N VAL B 208 -4.37 -18.66 -6.55
CA VAL B 208 -4.42 -17.76 -5.41
C VAL B 208 -4.57 -18.64 -4.16
N VAL B 209 -4.48 -18.05 -2.97
CA VAL B 209 -4.57 -18.83 -1.74
C VAL B 209 -5.81 -18.63 -0.89
N ILE B 210 -6.68 -17.71 -1.28
CA ILE B 210 -7.94 -17.52 -0.55
C ILE B 210 -9.05 -17.61 -1.59
N LYS B 211 -10.20 -18.12 -1.17
CA LYS B 211 -11.33 -18.31 -2.09
C LYS B 211 -12.15 -17.08 -2.48
N PRO B 212 -12.49 -16.22 -1.51
CA PRO B 212 -13.29 -15.07 -1.95
C PRO B 212 -12.58 -14.06 -2.83
N LYS B 213 -13.37 -13.30 -3.59
CA LYS B 213 -12.86 -12.26 -4.48
C LYS B 213 -11.65 -12.64 -5.34
N ASP B 214 -11.71 -13.83 -5.93
CA ASP B 214 -10.64 -14.32 -6.78
C ASP B 214 -9.24 -14.21 -6.16
N GLY B 215 -9.18 -14.34 -4.84
CA GLY B 215 -7.89 -14.30 -4.16
C GLY B 215 -7.43 -12.97 -3.61
N PHE B 216 -8.16 -11.89 -3.90
CA PHE B 216 -7.77 -10.57 -3.42
C PHE B 216 -8.15 -10.39 -1.96
N GLY B 217 -7.22 -9.92 -1.14
CA GLY B 217 -7.50 -9.75 0.27
C GLY B 217 -6.65 -8.70 0.97
N GLY B 218 -7.03 -8.38 2.20
CA GLY B 218 -6.29 -7.38 2.96
C GLY B 218 -4.94 -7.92 3.39
N ILE B 219 -3.90 -7.11 3.25
CA ILE B 219 -2.55 -7.50 3.61
C ILE B 219 -2.15 -6.90 4.95
N GLY B 220 -1.59 -7.73 5.83
CA GLY B 220 -1.15 -7.25 7.13
C GLY B 220 0.24 -7.79 7.43
N GLY B 221 0.83 -7.37 8.55
CA GLY B 221 2.15 -7.87 8.91
C GLY B 221 3.32 -6.99 8.48
N ALA B 222 4.49 -7.60 8.36
CA ALA B 222 5.70 -6.87 8.00
C ALA B 222 5.55 -6.09 6.70
N TYR B 223 4.77 -6.63 5.77
CA TYR B 223 4.52 -5.97 4.49
C TYR B 223 4.08 -4.51 4.64
N ILE B 224 3.23 -4.26 5.63
CA ILE B 224 2.66 -2.94 5.79
C ILE B 224 3.21 -1.97 6.84
N LYS B 225 4.26 -2.35 7.56
CA LYS B 225 4.74 -1.43 8.58
C LYS B 225 5.14 -0.06 8.06
N PRO B 226 5.86 0.01 6.92
CA PRO B 226 6.24 1.33 6.41
C PRO B 226 5.02 2.22 6.18
N THR B 227 3.96 1.63 5.64
CA THR B 227 2.73 2.36 5.38
C THR B 227 2.03 2.74 6.68
N ALA B 228 1.98 1.80 7.61
CA ALA B 228 1.33 2.05 8.89
C ALA B 228 2.02 3.17 9.65
N LEU B 229 3.34 3.10 9.75
CA LEU B 229 4.09 4.14 10.46
C LEU B 229 3.87 5.51 9.80
N ALA B 230 3.88 5.54 8.47
CA ALA B 230 3.69 6.80 7.75
C ALA B 230 2.34 7.41 8.05
N ASN B 231 1.30 6.58 8.09
CA ASN B 231 -0.06 7.05 8.37
C ASN B 231 -0.17 7.58 9.80
N VAL B 232 0.42 6.86 10.75
CA VAL B 232 0.38 7.29 12.13
C VAL B 232 1.10 8.65 12.24
N ARG B 233 2.28 8.75 11.64
CA ARG B 233 3.05 10.00 11.71
C ARG B 233 2.37 11.15 10.98
N ALA B 234 1.87 10.90 9.77
CA ALA B 234 1.22 11.95 8.98
C ALA B 234 0.00 12.55 9.68
N PHE B 235 -0.78 11.72 10.38
CA PHE B 235 -1.94 12.25 11.08
C PHE B 235 -1.51 12.93 12.37
N TYR B 236 -0.45 12.42 12.99
CA TYR B 236 0.04 13.01 14.23
C TYR B 236 0.42 14.49 14.04
N THR B 237 1.03 14.81 12.90
CA THR B 237 1.42 16.19 12.65
C THR B 237 0.32 17.03 12.03
N ARG B 238 -0.85 16.44 11.79
CA ARG B 238 -1.96 17.16 11.17
C ARG B 238 -3.22 17.27 12.03
N LEU B 239 -3.47 16.27 12.87
CA LEU B 239 -4.66 16.29 13.71
C LEU B 239 -4.51 17.23 14.89
N LYS B 240 -5.63 17.83 15.30
CA LYS B 240 -5.62 18.72 16.46
C LYS B 240 -5.30 17.80 17.65
N PRO B 241 -4.59 18.32 18.66
CA PRO B 241 -4.24 17.49 19.83
C PRO B 241 -5.39 16.77 20.54
N GLU B 242 -6.61 17.26 20.38
CA GLU B 242 -7.77 16.64 21.02
C GLU B 242 -8.02 15.24 20.47
N ILE B 243 -7.55 14.99 19.25
CA ILE B 243 -7.74 13.69 18.62
C ILE B 243 -6.45 12.88 18.73
N GLN B 244 -6.46 11.84 19.57
CA GLN B 244 -5.29 10.98 19.74
C GLN B 244 -5.23 9.91 18.66
N ILE B 245 -4.17 9.13 18.68
CA ILE B 245 -3.98 8.09 17.66
C ILE B 245 -3.68 6.70 18.18
N ILE B 246 -4.26 5.71 17.52
CA ILE B 246 -3.99 4.32 17.86
C ILE B 246 -3.19 3.81 16.65
N GLY B 247 -2.02 3.26 16.91
CA GLY B 247 -1.19 2.77 15.84
C GLY B 247 -1.40 1.29 15.62
N THR B 248 -1.68 0.91 14.37
CA THR B 248 -1.91 -0.48 14.01
C THR B 248 -1.23 -0.81 12.70
N GLY B 249 -0.52 -1.94 12.67
CA GLY B 249 0.13 -2.35 11.44
C GLY B 249 1.58 -2.77 11.57
N GLY B 250 1.83 -4.05 11.34
CA GLY B 250 3.18 -4.59 11.38
C GLY B 250 3.83 -4.64 12.75
N ILE B 251 3.05 -4.62 13.82
CA ILE B 251 3.63 -4.67 15.15
C ILE B 251 3.82 -6.12 15.59
N GLU B 252 5.07 -6.51 15.77
CA GLU B 252 5.39 -7.87 16.18
C GLU B 252 6.40 -7.89 17.33
N THR B 253 7.34 -6.93 17.31
CA THR B 253 8.36 -6.85 18.34
C THR B 253 8.30 -5.54 19.11
N GLY B 254 9.06 -5.47 20.21
CA GLY B 254 9.10 -4.26 21.00
C GLY B 254 9.61 -3.11 20.17
N GLN B 255 10.51 -3.42 19.22
CA GLN B 255 11.06 -2.39 18.34
C GLN B 255 9.97 -1.81 17.45
N ASP B 256 9.06 -2.67 16.95
CA ASP B 256 7.98 -2.17 16.10
C ASP B 256 7.08 -1.26 16.91
N ALA B 257 6.83 -1.63 18.15
CA ALA B 257 5.97 -0.84 19.05
C ALA B 257 6.63 0.50 19.31
N PHE B 258 7.93 0.45 19.59
CA PHE B 258 8.72 1.64 19.86
C PHE B 258 8.61 2.64 18.71
N GLU B 259 8.70 2.13 17.48
CA GLU B 259 8.60 2.96 16.29
C GLU B 259 7.24 3.65 16.16
N HIS B 260 6.16 2.92 16.39
CA HIS B 260 4.82 3.50 16.31
C HIS B 260 4.66 4.62 17.36
N LEU B 261 5.15 4.37 18.57
CA LEU B 261 5.05 5.34 19.64
C LEU B 261 5.88 6.59 19.31
N LEU B 262 7.06 6.35 18.73
CA LEU B 262 7.94 7.43 18.32
C LEU B 262 7.23 8.32 17.30
N CYS B 263 6.37 7.70 16.48
CA CYS B 263 5.63 8.44 15.45
C CYS B 263 4.49 9.27 16.02
N GLY B 264 3.93 8.85 17.15
CA GLY B 264 2.84 9.61 17.74
C GLY B 264 1.67 8.77 18.22
N ALA B 265 1.69 7.47 17.99
CA ALA B 265 0.62 6.60 18.45
C ALA B 265 0.59 6.58 19.98
N THR B 266 -0.60 6.49 20.58
CA THR B 266 -0.72 6.43 22.03
C THR B 266 -1.05 4.99 22.42
N MET B 267 -2.02 4.38 21.73
CA MET B 267 -2.35 2.98 21.97
C MET B 267 -1.80 2.23 20.76
N LEU B 268 -1.58 0.93 20.90
CA LEU B 268 -1.03 0.10 19.84
C LEU B 268 -1.85 -1.18 19.67
N GLN B 269 -2.20 -1.53 18.44
CA GLN B 269 -2.96 -2.75 18.24
C GLN B 269 -2.18 -3.78 17.42
N ILE B 270 -2.33 -5.05 17.79
CA ILE B 270 -1.63 -6.14 17.14
C ILE B 270 -2.63 -7.07 16.45
N GLY B 271 -2.46 -7.24 15.14
CA GLY B 271 -3.34 -8.11 14.39
C GLY B 271 -2.67 -9.41 14.00
N THR B 272 -2.03 -9.42 12.85
CA THR B 272 -1.35 -10.60 12.33
C THR B 272 -0.49 -11.35 13.34
N ALA B 273 0.38 -10.64 14.06
CA ALA B 273 1.25 -11.29 15.04
C ALA B 273 0.48 -11.99 16.15
N LEU B 274 -0.63 -11.40 16.56
CA LEU B 274 -1.47 -11.99 17.62
C LEU B 274 -2.19 -13.23 17.08
N HIS B 275 -2.62 -13.15 15.83
CA HIS B 275 -3.30 -14.25 15.18
C HIS B 275 -2.39 -15.49 15.17
N LYS B 276 -1.10 -15.26 14.92
CA LYS B 276 -0.13 -16.34 14.86
C LYS B 276 0.37 -16.85 16.22
N GLU B 277 0.57 -15.93 17.15
CA GLU B 277 1.13 -16.27 18.46
C GLU B 277 0.15 -16.50 19.60
N GLY B 278 -1.01 -15.87 19.55
CA GLY B 278 -1.96 -16.02 20.64
C GLY B 278 -1.71 -14.93 21.67
N PRO B 279 -2.58 -14.79 22.68
CA PRO B 279 -2.46 -13.79 23.74
C PRO B 279 -1.13 -13.70 24.48
N ALA B 280 -0.32 -14.76 24.40
CA ALA B 280 0.97 -14.75 25.09
C ALA B 280 1.87 -13.65 24.51
N ILE B 281 1.54 -13.18 23.31
CA ILE B 281 2.33 -12.16 22.66
C ILE B 281 2.45 -10.89 23.50
N PHE B 282 1.37 -10.54 24.19
CA PHE B 282 1.38 -9.33 24.99
C PHE B 282 2.47 -9.35 26.06
N ASP B 283 2.66 -10.48 26.74
CA ASP B 283 3.70 -10.56 27.76
C ASP B 283 5.07 -10.34 27.10
N ARG B 284 5.28 -11.03 25.99
CA ARG B 284 6.54 -10.95 25.26
C ARG B 284 6.88 -9.54 24.77
N ILE B 285 5.95 -8.93 24.05
CA ILE B 285 6.20 -7.61 23.49
C ILE B 285 6.33 -6.50 24.55
N ILE B 286 5.61 -6.65 25.66
CA ILE B 286 5.72 -5.67 26.73
C ILE B 286 7.15 -5.72 27.26
N LYS B 287 7.67 -6.92 27.49
CA LYS B 287 9.03 -7.06 27.99
C LYS B 287 10.05 -6.55 26.99
N GLU B 288 9.81 -6.78 25.70
CA GLU B 288 10.74 -6.31 24.67
C GLU B 288 10.77 -4.78 24.64
N LEU B 289 9.61 -4.15 24.76
CA LEU B 289 9.57 -2.69 24.76
C LEU B 289 10.25 -2.13 26.02
N GLU B 290 10.00 -2.74 27.17
CA GLU B 290 10.61 -2.25 28.40
C GLU B 290 12.12 -2.38 28.36
N GLU B 291 12.63 -3.41 27.68
CA GLU B 291 14.07 -3.59 27.58
C GLU B 291 14.68 -2.48 26.72
N ILE B 292 13.96 -2.10 25.67
CA ILE B 292 14.43 -1.02 24.79
C ILE B 292 14.48 0.28 25.58
N MET B 293 13.45 0.52 26.38
CA MET B 293 13.40 1.73 27.19
C MET B 293 14.49 1.72 28.25
N ASN B 294 14.71 0.58 28.88
CA ASN B 294 15.75 0.48 29.90
C ASN B 294 17.14 0.78 29.32
N GLN B 295 17.42 0.26 28.14
CA GLN B 295 18.72 0.49 27.51
C GLN B 295 18.90 1.97 27.16
N LYS B 296 17.80 2.66 26.88
CA LYS B 296 17.84 4.07 26.55
C LYS B 296 17.66 4.96 27.77
N GLY B 297 17.42 4.34 28.93
CA GLY B 297 17.25 5.10 30.15
C GLY B 297 15.90 5.79 30.25
N TYR B 298 14.90 5.27 29.55
CA TYR B 298 13.55 5.84 29.58
C TYR B 298 12.71 5.12 30.62
N GLN B 299 11.94 5.88 31.40
CA GLN B 299 11.08 5.29 32.42
C GLN B 299 9.60 5.48 32.12
N SER B 300 9.29 6.20 31.04
CA SER B 300 7.91 6.43 30.64
C SER B 300 7.84 6.66 29.14
N ILE B 301 6.71 6.29 28.54
CA ILE B 301 6.52 6.47 27.11
C ILE B 301 6.64 7.95 26.75
N ALA B 302 6.31 8.83 27.69
CA ALA B 302 6.40 10.27 27.47
C ALA B 302 7.83 10.70 27.12
N ASP B 303 8.81 9.89 27.50
CA ASP B 303 10.21 10.20 27.22
C ASP B 303 10.54 10.20 25.73
N PHE B 304 9.71 9.54 24.92
CA PHE B 304 9.97 9.48 23.49
C PHE B 304 8.72 9.56 22.60
N HIS B 305 7.54 9.61 23.22
CA HIS B 305 6.31 9.67 22.44
C HIS B 305 6.28 10.83 21.42
N GLY B 306 6.09 10.46 20.15
CA GLY B 306 6.02 11.45 19.08
C GLY B 306 7.31 12.19 18.75
N LYS B 307 8.42 11.77 19.36
CA LYS B 307 9.69 12.45 19.16
C LYS B 307 10.54 11.97 17.98
N LEU B 308 9.92 11.31 17.00
CA LEU B 308 10.65 10.85 15.82
C LEU B 308 11.40 12.04 15.21
N LYS B 309 12.70 11.88 14.95
CA LYS B 309 13.49 12.96 14.39
C LYS B 309 13.61 12.94 12.87
N SER B 310 13.54 14.12 12.27
CA SER B 310 13.71 14.25 10.84
C SER B 310 15.19 14.55 10.63
N LEU B 311 15.69 14.38 9.42
CA LEU B 311 17.10 14.65 9.14
C LEU B 311 17.31 16.10 8.73
MG MG C . 21.23 -6.60 -24.38
N1 FMN D . 9.32 5.12 -11.60
C2 FMN D . 9.08 5.91 -12.72
O2 FMN D . 8.13 5.69 -13.46
N3 FMN D . 9.98 6.93 -12.95
C4 FMN D . 11.09 7.22 -12.15
O4 FMN D . 11.85 8.16 -12.46
C4A FMN D . 11.29 6.39 -11.03
N5 FMN D . 12.41 6.63 -10.18
C5A FMN D . 12.77 5.68 -9.20
C6 FMN D . 13.98 5.74 -8.50
C7 FMN D . 14.37 4.81 -7.51
C7M FMN D . 15.71 4.97 -6.81
C8 FMN D . 13.48 3.73 -7.23
C8M FMN D . 13.80 2.67 -6.19
C9 FMN D . 12.25 3.64 -7.93
C9A FMN D . 11.86 4.58 -8.92
N10 FMN D . 10.59 4.49 -9.66
C10 FMN D . 10.40 5.33 -10.76
C1' FMN D . 9.76 3.42 -9.32
C2' FMN D . 10.09 2.12 -10.11
O2' FMN D . 10.02 2.33 -11.50
C3' FMN D . 9.24 0.92 -9.66
O3' FMN D . 7.91 1.27 -10.14
C4' FMN D . 9.31 0.66 -8.08
O4' FMN D . 10.61 0.73 -7.55
C5' FMN D . 8.50 -0.60 -7.81
O5' FMN D . 9.41 -1.71 -8.25
P FMN D . 10.47 -2.56 -7.36
O1P FMN D . 9.67 -3.29 -6.36
O2P FMN D . 11.46 -1.59 -6.77
O3P FMN D . 11.16 -3.55 -8.26
C ACY E . 11.72 10.11 -8.05
O ACY E . 11.33 10.96 -7.15
OXT ACY E . 12.50 10.31 -9.03
CH3 ACY E . 11.16 8.71 -7.83
C1 GOL F . -5.90 4.16 -3.71
O1 GOL F . -6.81 3.38 -4.51
C2 GOL F . -6.40 5.24 -2.69
O2 GOL F . -7.25 6.34 -3.20
C3 GOL F . -5.16 5.80 -2.02
O3 GOL F . -5.33 6.73 -1.08
C1 GOL G . 11.84 -5.10 -33.14
O1 GOL G . 12.41 -6.21 -32.40
C2 GOL G . 10.33 -5.09 -33.57
O2 GOL G . 9.79 -6.25 -34.31
C3 GOL G . 10.11 -3.78 -34.31
O3 GOL G . 8.87 -3.53 -34.78
MG MG H . -5.55 -8.30 31.52
N1 FMN I . -10.05 -4.41 11.27
C2 FMN I . -11.22 -3.86 11.75
O2 FMN I . -11.29 -2.66 12.03
N3 FMN I . -12.29 -4.72 11.91
C4 FMN I . -12.27 -6.09 11.62
O4 FMN I . -13.30 -6.78 11.81
C4A FMN I . -11.05 -6.61 11.13
N5 FMN I . -10.97 -8.00 10.82
C5A FMN I . -9.71 -8.59 10.58
C6 FMN I . -9.54 -9.98 10.49
C7 FMN I . -8.30 -10.60 10.25
C7M FMN I . -8.22 -12.12 10.19
C8 FMN I . -7.15 -9.76 10.09
C8M FMN I . -5.77 -10.33 9.83
C9 FMN I . -7.30 -8.35 10.16
C9A FMN I . -8.55 -7.73 10.41
N10 FMN I . -8.72 -6.26 10.50
C10 FMN I . -9.94 -5.76 10.95
C1' FMN I . -7.57 -5.51 10.30
C2' FMN I . -6.73 -5.31 11.62
O2' FMN I . -7.51 -4.72 12.63
C3' FMN I . -5.43 -4.55 11.37
O3' FMN I . -5.87 -3.21 11.07
C4' FMN I . -4.52 -5.22 10.24
O4' FMN I . -4.42 -6.62 10.32
C5' FMN I . -3.21 -4.42 10.20
O5' FMN I . -2.46 -4.90 11.39
P FMN I . -1.36 -6.11 11.47
O1P FMN I . -0.24 -5.70 10.60
O2P FMN I . -2.05 -7.38 11.03
O3P FMN I . -0.88 -6.24 12.88
C ACY J . -13.16 -8.72 7.39
O ACY J . -13.54 -8.83 6.15
OXT ACY J . -13.82 -9.07 8.44
CH3 ACY J . -11.78 -8.11 7.54
C1 GOL K . 5.72 14.72 4.71
O1 GOL K . 6.43 15.70 3.93
C2 GOL K . 4.53 15.10 5.66
O2 GOL K . 4.76 16.14 6.67
C3 GOL K . 4.08 13.80 6.27
O3 GOL K . 3.05 13.84 7.13
C1 GOL L . -10.10 -8.16 -8.83
O1 GOL L . -9.51 -7.70 -10.07
C2 GOL L . -11.47 -8.90 -8.79
O2 GOL L . -12.63 -8.18 -9.35
C3 GOL L . -11.69 -9.26 -7.33
O3 GOL L . -12.80 -9.96 -7.03
C1 GOL M . -11.53 4.53 33.24
O1 GOL M . -12.45 5.64 33.26
C2 GOL M . -10.19 4.55 34.07
O2 GOL M . -9.26 5.67 33.87
C3 GOL M . -9.52 3.21 33.81
O3 GOL M . -8.35 2.96 34.43
#